data_7K88
#
_entry.id   7K88
#
_cell.length_a   175.917
_cell.length_b   175.917
_cell.length_c   86.314
_cell.angle_alpha   90.00
_cell.angle_beta   90.00
_cell.angle_gamma   120.00
#
_symmetry.space_group_name_H-M   'P 65'
#
loop_
_entity.id
_entity.type
_entity.pdbx_description
1 polymer 'Retinoid isomerohydrolase'
2 non-polymer 'FE (II) ION'
3 non-polymer 3,6,9,12,15,18-hexaoxahexacosan-1-ol
4 non-polymer 'TETRAETHYLENE GLYCOL'
5 non-polymer 'SODIUM ION'
6 water water
#
_entity_poly.entity_id   1
_entity_poly.type   'polypeptide(L)'
_entity_poly.pdbx_seq_one_letter_code
;(ACE)SSQVEHPAGGYKKLFETVEELSSPLTAHVTGRIPLWLTGSLLRCGPGLFEVGSEPFYHLFDGQALLHKFDFKEGH
VTYHRRFIRTDAYVRAMTEKRIVITEFGTCAFPDPCKNIFSRFFSYFRGVEVTDNALVNIYPVGEDYYACTETNFITKVN
PETLETIKQVDLCNYVSVNGATAHPHIENDGTVYNIGNCFGKNFSIAYNIVKIPPLQADKEDPISKSEIVVQFPCSDRFK
PSYVHSFGLTPNYIVFVETPVKINLFKFLSSWSLWGANYMDCFESNETMGVWLHIADKKRKKYINNKYRTSPFNLFHHIN
TYEDHEFLIVDLCCWKGFEFVYNYLYLANLRENWEEVKKNARKAPQPEVRRYVLPLNIDKADTGKNLVTLPNTTATAILC
SDETIWLEPEVLFSGPRQAFEFPQINYQKYGGKPYTYAYGLGLNHFVPDRLCKLNVKTKETWVWQEPDSYPSEPIFVSHP
DALEEDDGVVLSVVVSPGAGQKPAYLLILNAKDLSEVARAEVEINIPVTFHGLFKKS
;
_entity_poly.pdbx_strand_id   A,B
#
# COMPACT_ATOMS: atom_id res chain seq x y z
N SER A 2 -8.58 7.91 -11.15
CA SER A 2 -7.54 8.76 -11.81
C SER A 2 -8.16 9.60 -12.92
N SER A 3 -7.43 10.62 -13.40
CA SER A 3 -7.77 11.45 -14.57
C SER A 3 -7.44 10.68 -15.86
N GLN A 4 -8.19 10.95 -16.93
CA GLN A 4 -7.95 10.41 -18.30
C GLN A 4 -7.75 11.57 -19.28
N VAL A 5 -7.22 12.70 -18.79
CA VAL A 5 -7.22 14.02 -19.50
C VAL A 5 -5.86 14.70 -19.33
N GLU A 6 -5.37 15.34 -20.41
CA GLU A 6 -4.26 16.33 -20.40
C GLU A 6 -4.88 17.73 -20.48
N HIS A 7 -4.11 18.77 -20.17
CA HIS A 7 -4.60 20.17 -20.08
C HIS A 7 -3.71 21.13 -20.88
N PRO A 8 -3.42 20.84 -22.18
CA PRO A 8 -2.54 21.69 -22.98
C PRO A 8 -3.05 23.14 -23.14
N ALA A 9 -4.37 23.34 -23.15
CA ALA A 9 -5.02 24.67 -23.33
C ALA A 9 -4.76 25.57 -22.11
N GLY A 10 -4.39 24.99 -20.96
CA GLY A 10 -3.93 25.73 -19.77
C GLY A 10 -5.04 26.52 -19.08
N GLY A 11 -6.29 26.06 -19.21
CA GLY A 11 -7.49 26.71 -18.64
C GLY A 11 -7.44 26.82 -17.13
N TYR A 12 -6.69 25.93 -16.46
CA TYR A 12 -6.53 25.88 -14.99
C TYR A 12 -5.96 27.20 -14.44
N LYS A 13 -5.33 28.02 -15.29
CA LYS A 13 -4.75 29.34 -14.92
C LYS A 13 -5.85 30.30 -14.43
N LYS A 14 -7.10 30.11 -14.89
CA LYS A 14 -8.27 30.94 -14.49
C LYS A 14 -8.63 30.70 -13.01
N LEU A 15 -8.14 29.61 -12.41
CA LEU A 15 -8.33 29.33 -10.95
C LEU A 15 -7.55 30.35 -10.12
N PHE A 16 -6.50 30.95 -10.68
CA PHE A 16 -5.52 31.80 -9.95
C PHE A 16 -5.52 33.22 -10.52
N GLU A 17 -6.67 33.66 -11.06
CA GLU A 17 -6.87 35.00 -11.65
C GLU A 17 -7.85 35.81 -10.77
N THR A 18 -7.47 37.03 -10.43
CA THR A 18 -8.27 38.00 -9.64
C THR A 18 -9.67 38.15 -10.27
N VAL A 19 -10.70 38.30 -9.43
CA VAL A 19 -12.10 38.60 -9.85
C VAL A 19 -12.60 39.78 -9.01
N GLU A 20 -13.69 40.41 -9.46
CA GLU A 20 -14.42 41.46 -8.71
C GLU A 20 -15.56 40.80 -7.93
N GLU A 21 -15.85 41.30 -6.72
CA GLU A 21 -17.04 40.89 -5.94
C GLU A 21 -18.30 41.45 -6.61
N LEU A 22 -19.47 40.94 -6.23
CA LEU A 22 -20.79 41.41 -6.74
C LEU A 22 -21.42 42.33 -5.68
N SER A 23 -22.29 43.26 -6.12
CA SER A 23 -23.07 44.16 -5.24
C SER A 23 -24.33 43.44 -4.75
N SER A 24 -24.83 42.47 -5.52
CA SER A 24 -26.01 41.62 -5.18
C SER A 24 -25.97 40.33 -5.97
N PRO A 25 -26.72 39.28 -5.57
CA PRO A 25 -26.68 37.97 -6.24
C PRO A 25 -27.04 37.99 -7.73
N LEU A 26 -26.40 37.12 -8.52
CA LEU A 26 -26.71 36.84 -9.94
C LEU A 26 -27.67 35.66 -10.03
N THR A 27 -28.50 35.61 -11.08
CA THR A 27 -29.27 34.42 -11.50
C THR A 27 -28.32 33.48 -12.26
N ALA A 28 -28.46 32.17 -12.06
CA ALA A 28 -27.66 31.12 -12.72
C ALA A 28 -28.57 30.27 -13.60
N HIS A 29 -28.27 30.19 -14.89
CA HIS A 29 -29.06 29.41 -15.88
C HIS A 29 -28.94 27.91 -15.57
N VAL A 30 -30.03 27.30 -15.12
CA VAL A 30 -30.12 25.85 -14.78
C VAL A 30 -30.31 25.04 -16.07
N THR A 31 -29.48 24.01 -16.25
CA THR A 31 -29.69 22.88 -17.19
C THR A 31 -29.91 21.61 -16.35
N GLY A 32 -30.83 20.74 -16.77
CA GLY A 32 -31.33 19.62 -15.95
C GLY A 32 -32.27 20.13 -14.87
N ARG A 33 -32.42 19.38 -13.78
CA ARG A 33 -33.40 19.63 -12.70
C ARG A 33 -32.69 19.70 -11.35
N ILE A 34 -32.68 20.88 -10.71
CA ILE A 34 -32.23 21.07 -9.30
C ILE A 34 -33.26 20.35 -8.41
N PRO A 35 -32.87 19.36 -7.58
CA PRO A 35 -33.82 18.71 -6.66
C PRO A 35 -34.58 19.74 -5.81
N LEU A 36 -35.90 19.57 -5.69
CA LEU A 36 -36.81 20.53 -5.00
C LEU A 36 -36.64 20.44 -3.48
N TRP A 37 -36.03 19.36 -2.97
CA TRP A 37 -35.69 19.20 -1.53
C TRP A 37 -34.39 19.93 -1.18
N LEU A 38 -33.61 20.35 -2.19
CA LEU A 38 -32.35 21.09 -1.97
C LEU A 38 -32.67 22.56 -1.69
N THR A 39 -32.76 22.92 -0.41
CA THR A 39 -33.13 24.26 0.09
C THR A 39 -32.06 24.72 1.09
N GLY A 40 -31.28 25.73 0.73
CA GLY A 40 -30.20 26.27 1.57
C GLY A 40 -29.11 26.94 0.73
N SER A 41 -27.92 27.09 1.32
CA SER A 41 -26.79 27.87 0.78
C SER A 41 -25.51 27.03 0.79
N LEU A 42 -24.88 26.85 -0.37
CA LEU A 42 -23.49 26.35 -0.47
C LEU A 42 -22.55 27.53 -0.22
N LEU A 43 -21.91 27.58 0.95
CA LEU A 43 -20.92 28.62 1.34
C LEU A 43 -19.51 28.03 1.19
N ARG A 44 -18.61 28.72 0.49
CA ARG A 44 -17.22 28.27 0.21
C ARG A 44 -16.26 29.46 0.28
N CYS A 45 -15.03 29.23 0.76
CA CYS A 45 -13.95 30.23 0.89
C CYS A 45 -12.81 29.91 -0.06
N GLY A 46 -12.12 30.94 -0.56
CA GLY A 46 -10.98 30.82 -1.47
C GLY A 46 -10.31 32.18 -1.70
N PRO A 47 -9.10 32.22 -2.29
CA PRO A 47 -8.47 33.47 -2.68
C PRO A 47 -9.22 34.09 -3.87
N GLY A 48 -9.39 35.41 -3.87
CA GLY A 48 -10.09 36.17 -4.93
C GLY A 48 -9.26 37.28 -5.53
N LEU A 49 -8.27 37.78 -4.78
CA LEU A 49 -7.37 38.90 -5.18
C LEU A 49 -5.92 38.43 -5.03
N PHE A 50 -5.22 38.21 -6.16
CA PHE A 50 -3.88 37.57 -6.22
C PHE A 50 -2.77 38.62 -6.40
N GLU A 51 -3.13 39.90 -6.37
CA GLU A 51 -2.16 41.03 -6.34
C GLU A 51 -2.86 42.28 -5.78
N VAL A 52 -2.10 43.13 -5.08
CA VAL A 52 -2.53 44.48 -4.61
C VAL A 52 -1.80 45.52 -5.47
N GLY A 53 -2.42 45.94 -6.56
CA GLY A 53 -1.83 46.85 -7.56
C GLY A 53 -0.77 46.13 -8.38
N SER A 54 0.50 46.49 -8.18
CA SER A 54 1.68 45.91 -8.88
C SER A 54 2.43 44.94 -7.95
N GLU A 55 2.05 44.85 -6.67
CA GLU A 55 2.63 43.90 -5.69
C GLU A 55 1.90 42.56 -5.81
N PRO A 56 2.59 41.47 -6.20
CA PRO A 56 1.95 40.16 -6.32
C PRO A 56 1.98 39.35 -5.01
N PHE A 57 0.95 38.53 -4.79
CA PHE A 57 0.97 37.39 -3.85
C PHE A 57 1.62 36.21 -4.58
N TYR A 58 2.48 35.45 -3.89
CA TYR A 58 3.36 34.42 -4.51
C TYR A 58 2.76 33.02 -4.38
N HIS A 59 2.07 32.72 -3.27
CA HIS A 59 1.61 31.34 -2.92
C HIS A 59 0.09 31.21 -3.06
N LEU A 60 -0.37 29.97 -3.29
CA LEU A 60 -1.79 29.59 -3.45
C LEU A 60 -2.61 30.05 -2.23
N PHE A 61 -2.01 30.08 -1.04
CA PHE A 61 -2.69 30.36 0.25
C PHE A 61 -2.47 31.81 0.70
N ASP A 62 -2.18 32.73 -0.24
CA ASP A 62 -1.84 34.16 0.04
C ASP A 62 -2.97 35.09 -0.40
N GLY A 63 -3.65 34.77 -1.51
CA GLY A 63 -4.73 35.60 -2.09
C GLY A 63 -5.80 35.94 -1.05
N GLN A 64 -6.42 37.12 -1.18
CA GLN A 64 -7.32 37.69 -0.13
C GLN A 64 -8.67 36.95 -0.17
N ALA A 65 -9.15 36.57 1.02
CA ALA A 65 -10.34 35.74 1.26
C ALA A 65 -11.55 36.29 0.48
N LEU A 66 -12.18 35.41 -0.30
CA LEU A 66 -13.43 35.66 -1.05
C LEU A 66 -14.48 34.64 -0.59
N LEU A 67 -15.58 35.12 -0.03
CA LEU A 67 -16.71 34.29 0.46
C LEU A 67 -17.74 34.14 -0.67
N HIS A 68 -18.02 32.90 -1.07
CA HIS A 68 -18.94 32.53 -2.19
C HIS A 68 -20.24 31.96 -1.61
N LYS A 69 -21.36 32.15 -2.31
CA LYS A 69 -22.67 31.55 -1.91
C LYS A 69 -23.50 31.21 -3.16
N PHE A 70 -23.88 29.94 -3.28
CA PHE A 70 -24.94 29.45 -4.20
C PHE A 70 -26.19 29.14 -3.35
N ASP A 71 -27.27 29.89 -3.56
CA ASP A 71 -28.58 29.69 -2.89
C ASP A 71 -29.45 28.79 -3.77
N PHE A 72 -30.11 27.81 -3.15
CA PHE A 72 -31.04 26.86 -3.80
C PHE A 72 -32.43 27.02 -3.17
N LYS A 73 -33.46 27.16 -4.02
CA LYS A 73 -34.87 27.30 -3.60
C LYS A 73 -35.79 27.03 -4.80
N GLU A 74 -36.73 26.09 -4.64
CA GLU A 74 -37.77 25.74 -5.64
C GLU A 74 -37.16 25.55 -7.03
N GLY A 75 -35.96 24.95 -7.10
CA GLY A 75 -35.28 24.56 -8.36
C GLY A 75 -34.56 25.72 -9.02
N HIS A 76 -34.41 26.85 -8.34
CA HIS A 76 -33.74 28.08 -8.83
C HIS A 76 -32.44 28.30 -8.04
N VAL A 77 -31.43 28.85 -8.71
CA VAL A 77 -30.05 29.04 -8.13
C VAL A 77 -29.62 30.49 -8.36
N THR A 78 -29.09 31.13 -7.31
CA THR A 78 -28.39 32.44 -7.38
C THR A 78 -26.94 32.24 -6.92
N TYR A 79 -26.03 33.05 -7.46
CA TYR A 79 -24.60 33.13 -7.07
C TYR A 79 -24.30 34.53 -6.55
N HIS A 80 -23.65 34.62 -5.39
CA HIS A 80 -23.18 35.88 -4.77
C HIS A 80 -21.77 35.65 -4.22
N ARG A 81 -20.95 36.70 -4.20
CA ARG A 81 -19.60 36.66 -3.57
C ARG A 81 -19.21 38.07 -3.10
N ARG A 82 -18.60 38.15 -1.92
CA ARG A 82 -18.03 39.38 -1.31
C ARG A 82 -16.67 39.03 -0.72
N PHE A 83 -15.69 39.93 -0.87
CA PHE A 83 -14.38 39.85 -0.16
C PHE A 83 -14.64 39.99 1.33
N ILE A 84 -13.97 39.19 2.15
CA ILE A 84 -14.04 39.25 3.64
C ILE A 84 -13.26 40.49 4.06
N ARG A 85 -13.89 41.41 4.80
CA ARG A 85 -13.26 42.66 5.31
C ARG A 85 -12.40 42.31 6.53
N THR A 86 -11.27 41.64 6.27
CA THR A 86 -10.24 41.30 7.27
C THR A 86 -9.32 42.52 7.45
N ASP A 87 -8.52 42.56 8.51
CA ASP A 87 -7.42 43.54 8.69
C ASP A 87 -6.54 43.52 7.42
N ALA A 88 -6.16 42.32 6.97
CA ALA A 88 -5.30 42.08 5.78
C ALA A 88 -5.88 42.81 4.56
N TYR A 89 -7.17 42.62 4.29
CA TYR A 89 -7.88 43.15 3.09
C TYR A 89 -8.10 44.66 3.24
N VAL A 90 -8.67 45.08 4.37
CA VAL A 90 -9.05 46.50 4.67
C VAL A 90 -7.80 47.38 4.54
N ARG A 91 -6.71 46.98 5.20
CA ARG A 91 -5.44 47.76 5.25
C ARG A 91 -4.78 47.77 3.87
N ALA A 92 -4.97 46.72 3.06
CA ALA A 92 -4.45 46.62 1.68
C ALA A 92 -5.19 47.60 0.77
N MET A 93 -6.51 47.71 0.92
CA MET A 93 -7.36 48.65 0.14
C MET A 93 -7.05 50.08 0.57
N THR A 94 -6.81 50.30 1.87
CA THR A 94 -6.45 51.61 2.48
C THR A 94 -5.10 52.09 1.93
N GLU A 95 -4.04 51.30 2.11
CA GLU A 95 -2.63 51.69 1.85
C GLU A 95 -2.25 51.39 0.39
N LYS A 96 -3.12 50.74 -0.39
CA LYS A 96 -2.90 50.38 -1.81
C LYS A 96 -1.58 49.60 -1.98
N ARG A 97 -1.34 48.65 -1.07
CA ARG A 97 -0.14 47.77 -1.08
C ARG A 97 -0.40 46.56 -0.17
N ILE A 98 0.51 45.58 -0.15
CA ILE A 98 0.47 44.43 0.80
C ILE A 98 0.99 44.93 2.16
N VAL A 99 0.15 44.88 3.19
CA VAL A 99 0.43 45.41 4.56
C VAL A 99 0.82 44.25 5.49
N ILE A 100 0.00 43.19 5.51
CA ILE A 100 0.18 41.99 6.38
C ILE A 100 0.92 40.90 5.59
N THR A 101 1.91 40.26 6.21
CA THR A 101 2.64 39.10 5.65
C THR A 101 1.66 37.92 5.54
N GLU A 102 1.54 37.33 4.35
CA GLU A 102 0.72 36.13 4.09
C GLU A 102 1.63 34.89 4.14
N PHE A 103 1.05 33.70 4.03
CA PHE A 103 1.74 32.39 4.13
C PHE A 103 3.08 32.42 3.38
N GLY A 104 3.06 32.80 2.10
CA GLY A 104 4.23 32.75 1.21
C GLY A 104 4.57 34.09 0.56
N THR A 105 4.13 35.21 1.15
CA THR A 105 4.40 36.58 0.64
C THR A 105 4.70 37.52 1.82
N CYS A 106 5.94 38.01 1.89
N CYS A 106 5.94 38.01 1.89
CA CYS A 106 6.39 38.98 2.93
CA CYS A 106 6.43 39.00 2.90
C CYS A 106 5.89 40.38 2.57
C CYS A 106 5.88 40.39 2.57
N ALA A 107 5.43 41.13 3.58
CA ALA A 107 5.05 42.55 3.46
C ALA A 107 6.25 43.41 3.86
N PHE A 108 6.56 44.46 3.09
CA PHE A 108 7.70 45.38 3.35
C PHE A 108 7.17 46.76 3.73
N GLU A 127 2.36 41.20 13.40
CA GLU A 127 0.96 41.26 12.91
C GLU A 127 0.63 40.00 12.10
N VAL A 128 -0.01 39.03 12.76
CA VAL A 128 -0.38 37.70 12.20
C VAL A 128 -1.58 37.89 11.27
N THR A 129 -1.58 37.20 10.12
CA THR A 129 -2.63 37.31 9.07
C THR A 129 -3.96 36.80 9.61
N ASP A 130 -5.05 37.45 9.19
CA ASP A 130 -6.45 37.04 9.51
C ASP A 130 -7.17 36.75 8.19
N ASN A 131 -6.40 36.48 7.12
CA ASN A 131 -6.91 36.24 5.74
C ASN A 131 -7.64 34.89 5.74
N ALA A 132 -8.96 34.90 5.95
CA ALA A 132 -9.79 33.70 6.17
C ALA A 132 -10.22 33.09 4.82
N LEU A 133 -9.25 32.60 4.04
CA LEU A 133 -9.49 32.13 2.64
C LEU A 133 -9.75 30.62 2.61
N VAL A 134 -9.69 29.93 3.74
CA VAL A 134 -9.58 28.43 3.80
C VAL A 134 -10.97 27.79 3.97
N ASN A 135 -11.69 28.13 5.04
CA ASN A 135 -12.95 27.41 5.42
C ASN A 135 -13.91 28.36 6.16
N ILE A 136 -15.13 27.88 6.37
CA ILE A 136 -16.20 28.56 7.16
C ILE A 136 -16.93 27.47 7.97
N TYR A 137 -17.21 27.72 9.26
CA TYR A 137 -17.87 26.73 10.14
C TYR A 137 -18.78 27.43 11.16
N PRO A 138 -19.85 26.73 11.62
CA PRO A 138 -20.75 27.26 12.64
C PRO A 138 -20.23 27.12 14.08
N VAL A 139 -20.49 28.14 14.90
CA VAL A 139 -20.36 28.13 16.39
C VAL A 139 -21.62 28.80 16.94
N GLY A 140 -22.40 28.08 17.76
CA GLY A 140 -23.74 28.53 18.17
C GLY A 140 -24.58 28.87 16.95
N GLU A 141 -25.13 30.10 16.91
CA GLU A 141 -25.97 30.62 15.80
C GLU A 141 -25.10 31.33 14.75
N ASP A 142 -23.80 31.44 14.98
CA ASP A 142 -22.85 32.27 14.19
C ASP A 142 -22.07 31.41 13.21
N TYR A 143 -21.53 32.02 12.14
CA TYR A 143 -20.64 31.38 11.14
C TYR A 143 -19.33 32.17 11.09
N TYR A 144 -18.20 31.44 11.10
CA TYR A 144 -16.82 31.99 11.12
C TYR A 144 -16.05 31.48 9.91
N ALA A 145 -15.60 32.38 9.05
CA ALA A 145 -14.51 32.14 8.06
C ALA A 145 -13.20 32.07 8.84
N CYS A 146 -12.29 31.18 8.43
CA CYS A 146 -11.00 30.96 9.14
C CYS A 146 -9.87 30.73 8.14
N THR A 147 -8.65 30.98 8.61
CA THR A 147 -7.39 30.42 8.08
C THR A 147 -6.85 29.46 9.16
N GLU A 148 -5.55 29.48 9.45
CA GLU A 148 -4.91 28.54 10.41
C GLU A 148 -4.21 29.33 11.52
N THR A 149 -4.62 30.57 11.76
CA THR A 149 -4.05 31.48 12.78
C THR A 149 -5.01 31.58 13.97
N ASN A 150 -4.72 32.50 14.90
CA ASN A 150 -5.55 32.77 16.11
C ASN A 150 -6.77 33.62 15.75
N PHE A 151 -6.79 34.22 14.55
CA PHE A 151 -7.84 35.17 14.08
C PHE A 151 -8.86 34.43 13.20
N ILE A 152 -10.12 34.35 13.66
CA ILE A 152 -11.28 33.90 12.84
C ILE A 152 -12.24 35.08 12.69
N THR A 153 -12.97 35.13 11.57
CA THR A 153 -13.80 36.29 11.13
C THR A 153 -15.27 35.87 11.10
N LYS A 154 -16.07 36.37 12.04
CA LYS A 154 -17.55 36.20 12.04
C LYS A 154 -18.11 36.84 10.77
N VAL A 155 -18.91 36.09 10.01
CA VAL A 155 -19.51 36.53 8.71
C VAL A 155 -21.02 36.27 8.74
N ASN A 156 -21.78 37.07 7.99
CA ASN A 156 -23.25 36.94 7.82
C ASN A 156 -23.51 35.97 6.68
N PRO A 157 -24.05 34.76 6.95
CA PRO A 157 -24.17 33.73 5.91
C PRO A 157 -25.25 34.01 4.84
N GLU A 158 -26.02 35.08 4.99
CA GLU A 158 -27.13 35.47 4.07
C GLU A 158 -26.68 36.63 3.17
N THR A 159 -26.05 37.66 3.73
CA THR A 159 -25.60 38.89 3.01
C THR A 159 -24.11 38.78 2.64
N LEU A 160 -23.35 37.91 3.32
CA LEU A 160 -21.88 37.71 3.16
C LEU A 160 -21.12 38.93 3.70
N GLU A 161 -21.78 39.75 4.52
CA GLU A 161 -21.16 40.91 5.21
C GLU A 161 -20.20 40.38 6.30
N THR A 162 -19.04 41.02 6.45
CA THR A 162 -18.09 40.76 7.55
C THR A 162 -18.60 41.44 8.80
N ILE A 163 -18.66 40.72 9.94
CA ILE A 163 -19.28 41.19 11.20
C ILE A 163 -18.16 41.64 12.16
N LYS A 164 -17.23 40.73 12.50
CA LYS A 164 -16.10 41.08 13.41
C LYS A 164 -14.97 40.05 13.31
N GLN A 165 -13.82 40.44 13.87
CA GLN A 165 -12.61 39.61 14.07
C GLN A 165 -12.63 39.08 15.50
N VAL A 166 -12.32 37.78 15.68
CA VAL A 166 -12.19 37.11 17.00
C VAL A 166 -10.76 36.59 17.13
N ASP A 167 -10.08 36.95 18.21
CA ASP A 167 -8.73 36.44 18.59
C ASP A 167 -8.93 35.32 19.61
N LEU A 168 -8.65 34.07 19.22
CA LEU A 168 -8.83 32.86 20.07
C LEU A 168 -7.91 32.94 21.30
N CYS A 169 -6.77 33.63 21.20
CA CYS A 169 -5.78 33.82 22.30
C CYS A 169 -6.42 34.58 23.47
N ASN A 170 -7.44 35.39 23.22
CA ASN A 170 -8.22 36.13 24.27
C ASN A 170 -8.98 35.13 25.16
N TYR A 171 -9.25 33.92 24.66
CA TYR A 171 -10.19 32.94 25.29
C TYR A 171 -9.45 31.68 25.76
N VAL A 172 -8.54 31.12 24.96
CA VAL A 172 -7.83 29.84 25.27
C VAL A 172 -6.36 29.96 24.90
N SER A 173 -5.53 29.11 25.49
CA SER A 173 -4.06 29.06 25.33
C SER A 173 -3.69 28.24 24.08
N VAL A 174 -3.76 28.88 22.89
CA VAL A 174 -3.27 28.32 21.60
C VAL A 174 -2.63 29.45 20.79
N ASN A 175 -1.60 29.14 19.99
CA ASN A 175 -0.92 30.08 19.08
C ASN A 175 -1.73 30.20 17.78
N GLY A 176 -2.58 29.22 17.51
CA GLY A 176 -3.48 29.17 16.34
C GLY A 176 -4.40 27.96 16.44
N ALA A 177 -5.22 27.74 15.42
CA ALA A 177 -6.12 26.56 15.30
C ALA A 177 -6.32 26.22 13.83
N THR A 178 -6.57 24.95 13.50
CA THR A 178 -6.72 24.47 12.10
C THR A 178 -7.99 25.07 11.50
N ALA A 179 -8.13 24.97 10.18
CA ALA A 179 -9.34 25.36 9.44
C ALA A 179 -10.31 24.18 9.34
N HIS A 180 -10.04 23.10 10.09
CA HIS A 180 -10.82 21.83 10.05
C HIS A 180 -11.28 21.45 11.46
N PRO A 181 -12.07 22.29 12.15
CA PRO A 181 -12.67 21.88 13.42
C PRO A 181 -13.69 20.76 13.16
N HIS A 182 -13.79 19.81 14.09
CA HIS A 182 -14.88 18.80 14.13
C HIS A 182 -16.07 19.40 14.87
N ILE A 183 -17.28 19.09 14.40
CA ILE A 183 -18.55 19.67 14.90
C ILE A 183 -19.52 18.51 15.18
N GLU A 184 -19.79 18.22 16.45
CA GLU A 184 -20.74 17.18 16.89
C GLU A 184 -22.17 17.65 16.59
N ASN A 185 -23.14 16.74 16.61
CA ASN A 185 -24.55 16.99 16.21
C ASN A 185 -25.19 18.06 17.13
N ASP A 186 -24.74 18.15 18.40
CA ASP A 186 -25.30 19.10 19.39
C ASP A 186 -24.70 20.51 19.20
N GLY A 187 -23.67 20.64 18.35
CA GLY A 187 -23.08 21.94 17.97
C GLY A 187 -21.74 22.20 18.64
N THR A 188 -21.32 21.32 19.54
CA THR A 188 -19.97 21.32 20.18
C THR A 188 -18.91 21.33 19.08
N VAL A 189 -17.91 22.22 19.21
CA VAL A 189 -16.80 22.40 18.23
C VAL A 189 -15.49 22.00 18.91
N TYR A 190 -14.75 21.07 18.28
CA TYR A 190 -13.39 20.65 18.69
C TYR A 190 -12.39 21.17 17.65
N ASN A 191 -11.22 21.58 18.09
CA ASN A 191 -10.10 22.02 17.21
C ASN A 191 -8.77 21.74 17.93
N ILE A 192 -7.66 21.85 17.20
CA ILE A 192 -6.29 21.60 17.74
C ILE A 192 -5.39 22.75 17.29
N GLY A 193 -4.42 23.12 18.13
CA GLY A 193 -3.40 24.13 17.86
C GLY A 193 -2.18 23.91 18.74
N ASN A 194 -0.99 24.29 18.26
CA ASN A 194 0.26 24.18 19.06
C ASN A 194 0.25 25.27 20.14
N CYS A 195 0.96 25.04 21.25
CA CYS A 195 0.93 25.86 22.48
C CYS A 195 2.21 25.63 23.29
N PHE A 196 2.46 26.48 24.29
CA PHE A 196 3.61 26.40 25.23
C PHE A 196 3.18 25.61 26.47
N GLY A 197 3.46 24.30 26.47
CA GLY A 197 3.18 23.37 27.58
C GLY A 197 4.34 23.30 28.56
N SER A 201 8.46 24.67 26.52
CA SER A 201 8.20 23.30 25.99
C SER A 201 6.89 23.31 25.18
N ILE A 202 6.99 23.08 23.87
CA ILE A 202 5.84 23.16 22.91
C ILE A 202 4.95 21.92 23.10
N ALA A 203 3.63 22.10 22.97
CA ALA A 203 2.62 21.02 23.00
C ALA A 203 1.50 21.34 22.01
N TYR A 204 0.51 20.45 21.87
CA TYR A 204 -0.71 20.66 21.06
C TYR A 204 -1.94 20.60 21.98
N ASN A 205 -2.77 21.64 21.96
CA ASN A 205 -3.98 21.76 22.82
C ASN A 205 -5.22 21.50 21.98
N ILE A 206 -6.14 20.67 22.50
CA ILE A 206 -7.51 20.47 21.93
C ILE A 206 -8.43 21.51 22.56
N VAL A 207 -8.98 22.41 21.74
CA VAL A 207 -9.98 23.45 22.14
C VAL A 207 -11.37 22.83 21.99
N LYS A 208 -12.21 22.98 23.02
CA LYS A 208 -13.65 22.61 23.00
C LYS A 208 -14.47 23.89 23.15
N ILE A 209 -15.29 24.21 22.14
CA ILE A 209 -16.30 25.30 22.19
C ILE A 209 -17.66 24.64 22.39
N PRO A 210 -18.37 24.92 23.50
CA PRO A 210 -19.64 24.25 23.80
C PRO A 210 -20.77 24.75 22.90
N PRO A 211 -21.92 24.05 22.86
CA PRO A 211 -23.10 24.55 22.14
C PRO A 211 -23.67 25.81 22.81
N LEU A 212 -24.52 26.55 22.08
CA LEU A 212 -25.25 27.73 22.62
C LEU A 212 -26.20 27.26 23.73
N GLN A 213 -26.11 27.86 24.92
CA GLN A 213 -26.96 27.55 26.10
C GLN A 213 -28.20 28.43 26.09
N ALA A 214 -29.08 28.26 27.08
CA ALA A 214 -30.33 29.04 27.27
C ALA A 214 -30.00 30.51 27.59
N ASP A 215 -28.89 30.75 28.31
CA ASP A 215 -28.38 32.10 28.64
C ASP A 215 -28.04 32.86 27.35
N LYS A 216 -27.67 32.13 26.29
CA LYS A 216 -27.50 32.63 24.90
C LYS A 216 -26.27 33.54 24.79
N GLU A 217 -25.30 33.42 25.70
CA GLU A 217 -24.03 34.18 25.62
C GLU A 217 -23.10 33.47 24.61
N ASP A 218 -22.14 34.22 24.06
CA ASP A 218 -21.21 33.74 22.98
C ASP A 218 -20.51 32.48 23.48
N PRO A 219 -20.72 31.30 22.82
CA PRO A 219 -20.05 30.07 23.21
C PRO A 219 -18.52 30.13 23.22
N ILE A 220 -17.91 31.04 22.45
CA ILE A 220 -16.42 31.23 22.39
C ILE A 220 -15.92 31.71 23.76
N SER A 221 -16.71 32.49 24.49
CA SER A 221 -16.36 32.98 25.86
C SER A 221 -16.37 31.83 26.87
N LYS A 222 -16.87 30.65 26.48
CA LYS A 222 -16.87 29.42 27.33
C LYS A 222 -15.88 28.38 26.79
N SER A 223 -14.97 28.78 25.90
CA SER A 223 -13.91 27.90 25.30
C SER A 223 -12.99 27.39 26.41
N GLU A 224 -12.49 26.15 26.26
CA GLU A 224 -11.56 25.51 27.23
C GLU A 224 -10.65 24.51 26.51
N ILE A 225 -9.46 24.29 27.05
CA ILE A 225 -8.53 23.18 26.67
C ILE A 225 -8.99 21.93 27.43
N VAL A 226 -9.33 20.85 26.72
CA VAL A 226 -9.81 19.57 27.32
C VAL A 226 -8.64 18.61 27.50
N VAL A 227 -7.72 18.54 26.53
CA VAL A 227 -6.54 17.62 26.59
C VAL A 227 -5.37 18.23 25.81
N GLN A 228 -4.15 17.80 26.17
CA GLN A 228 -2.88 18.26 25.56
C GLN A 228 -2.12 17.04 25.01
N PHE A 229 -1.63 17.13 23.78
CA PHE A 229 -0.74 16.14 23.14
C PHE A 229 0.69 16.61 23.28
N PRO A 230 1.66 15.71 23.57
CA PRO A 230 3.07 16.09 23.63
C PRO A 230 3.64 16.29 22.22
N CYS A 231 4.81 16.94 22.13
N CYS A 231 4.80 16.95 22.12
CA CYS A 231 5.53 17.23 20.86
CA CYS A 231 5.53 17.22 20.85
C CYS A 231 6.78 16.34 20.77
C CYS A 231 6.78 16.34 20.77
N SER A 232 7.14 15.92 19.55
CA SER A 232 8.33 15.07 19.25
C SER A 232 9.61 15.89 19.48
N ASP A 233 9.53 17.20 19.24
CA ASP A 233 10.65 18.16 19.39
C ASP A 233 10.24 19.21 20.42
N ARG A 234 11.14 19.51 21.36
CA ARG A 234 10.91 20.45 22.50
C ARG A 234 10.50 21.82 21.97
N PHE A 235 11.11 22.29 20.88
CA PHE A 235 11.00 23.68 20.37
C PHE A 235 10.36 23.75 18.97
N LYS A 236 10.06 22.61 18.34
CA LYS A 236 9.55 22.57 16.94
C LYS A 236 8.26 21.78 16.88
N PRO A 237 7.08 22.45 16.81
CA PRO A 237 5.81 21.76 16.60
C PRO A 237 5.69 21.30 15.13
N SER A 238 5.03 20.17 14.91
CA SER A 238 4.64 19.69 13.55
C SER A 238 3.51 20.60 13.04
N TYR A 239 3.53 20.90 11.74
CA TYR A 239 2.38 21.49 11.02
C TYR A 239 1.19 20.53 11.17
N VAL A 240 0.06 21.03 11.65
CA VAL A 240 -1.21 20.26 11.80
C VAL A 240 -2.30 20.96 11.01
N HIS A 241 -2.91 20.25 10.07
CA HIS A 241 -3.95 20.77 9.14
C HIS A 241 -5.35 20.32 9.58
N SER A 242 -5.46 19.08 10.08
CA SER A 242 -6.72 18.45 10.53
C SER A 242 -6.40 17.39 11.59
N PHE A 243 -7.43 16.77 12.17
CA PHE A 243 -7.31 15.71 13.19
C PHE A 243 -8.55 14.80 13.11
N GLY A 244 -8.51 13.68 13.83
CA GLY A 244 -9.60 12.68 13.87
C GLY A 244 -10.39 12.78 15.16
N LEU A 245 -11.70 12.56 15.09
CA LEU A 245 -12.61 12.55 16.26
C LEU A 245 -13.62 11.41 16.13
N THR A 246 -13.80 10.65 17.20
CA THR A 246 -14.84 9.62 17.38
C THR A 246 -15.63 9.99 18.63
N PRO A 247 -16.76 9.31 18.94
CA PRO A 247 -17.45 9.54 20.20
C PRO A 247 -16.52 9.52 21.43
N ASN A 248 -15.54 8.61 21.44
CA ASN A 248 -14.72 8.30 22.64
C ASN A 248 -13.27 8.79 22.49
N TYR A 249 -12.79 9.07 21.28
CA TYR A 249 -11.34 9.28 21.03
C TYR A 249 -11.09 10.50 20.14
N ILE A 250 -9.93 11.12 20.38
CA ILE A 250 -9.29 12.16 19.53
C ILE A 250 -8.02 11.55 18.97
N VAL A 251 -7.83 11.60 17.64
CA VAL A 251 -6.60 11.10 16.95
C VAL A 251 -5.88 12.30 16.36
N PHE A 252 -4.58 12.42 16.66
CA PHE A 252 -3.67 13.48 16.15
C PHE A 252 -2.46 12.81 15.50
N VAL A 253 -2.16 13.18 14.25
CA VAL A 253 -1.02 12.62 13.46
C VAL A 253 0.10 13.68 13.41
N GLU A 254 1.23 13.38 14.06
CA GLU A 254 2.42 14.26 14.11
C GLU A 254 3.36 13.89 12.95
N THR A 255 3.42 14.75 11.93
CA THR A 255 4.16 14.51 10.66
C THR A 255 5.57 15.09 10.77
N PRO A 256 6.51 14.66 9.91
CA PRO A 256 7.87 15.22 9.91
C PRO A 256 8.00 16.64 9.35
N VAL A 257 6.90 17.28 8.94
CA VAL A 257 6.86 18.72 8.54
C VAL A 257 6.85 19.56 9.81
N LYS A 258 7.97 20.21 10.14
CA LYS A 258 8.20 20.94 11.42
C LYS A 258 8.22 22.45 11.17
N ILE A 259 7.71 23.21 12.14
CA ILE A 259 7.80 24.71 12.20
C ILE A 259 9.01 25.07 13.05
N ASN A 260 9.96 25.82 12.49
CA ASN A 260 11.24 26.22 13.15
C ASN A 260 11.18 27.72 13.42
N LEU A 261 10.81 28.11 14.65
CA LEU A 261 10.80 29.53 15.13
C LEU A 261 11.97 29.76 16.10
N GLY A 272 12.85 39.95 6.65
CA GLY A 272 11.91 39.76 5.53
C GLY A 272 11.54 38.31 5.34
N ALA A 273 11.06 37.64 6.41
CA ALA A 273 10.65 36.22 6.42
C ALA A 273 9.13 36.11 6.37
N ASN A 274 8.62 35.06 5.71
CA ASN A 274 7.18 34.67 5.69
C ASN A 274 7.04 33.34 6.44
N TYR A 275 5.84 32.76 6.46
CA TYR A 275 5.51 31.52 7.21
C TYR A 275 6.22 30.32 6.54
N MET A 276 6.16 30.24 5.20
CA MET A 276 6.81 29.18 4.37
C MET A 276 8.28 29.01 4.78
N ASP A 277 8.97 30.12 5.05
CA ASP A 277 10.43 30.16 5.35
C ASP A 277 10.74 29.42 6.66
N CYS A 278 9.75 29.21 7.52
CA CYS A 278 9.93 28.62 8.88
C CYS A 278 9.79 27.09 8.84
N PHE A 279 9.22 26.53 7.77
CA PHE A 279 8.98 25.07 7.63
C PHE A 279 10.29 24.36 7.26
N GLU A 280 10.55 23.23 7.92
CA GLU A 280 11.65 22.27 7.58
C GLU A 280 11.13 20.84 7.76
N SER A 281 11.84 19.88 7.16
CA SER A 281 11.50 18.44 7.19
C SER A 281 12.45 17.70 8.14
N ASN A 282 11.92 17.08 9.19
CA ASN A 282 12.68 16.15 10.08
C ASN A 282 12.80 14.81 9.35
N GLU A 283 14.02 14.40 9.02
CA GLU A 283 14.31 13.26 8.12
C GLU A 283 14.18 11.91 8.87
N THR A 284 14.34 11.89 10.19
CA THR A 284 14.56 10.65 10.98
C THR A 284 13.29 10.22 11.75
N MET A 285 12.39 11.14 12.11
CA MET A 285 11.29 10.85 13.06
C MET A 285 10.18 10.00 12.40
N GLY A 286 10.00 10.11 11.09
CA GLY A 286 8.83 9.53 10.39
C GLY A 286 7.54 10.15 10.88
N VAL A 287 6.48 9.35 11.05
CA VAL A 287 5.15 9.84 11.54
C VAL A 287 4.86 9.19 12.91
N TRP A 288 4.53 10.03 13.90
CA TRP A 288 4.02 9.63 15.24
C TRP A 288 2.51 9.84 15.26
N LEU A 289 1.73 8.82 15.61
CA LEU A 289 0.26 8.94 15.77
C LEU A 289 -0.06 8.94 17.26
N HIS A 290 -1.02 9.77 17.66
CA HIS A 290 -1.41 10.05 19.07
C HIS A 290 -2.92 9.88 19.22
N ILE A 291 -3.35 9.21 20.30
N ILE A 291 -3.35 9.19 20.29
CA ILE A 291 -4.79 9.09 20.69
CA ILE A 291 -4.78 9.08 20.70
C ILE A 291 -4.95 9.68 22.09
C ILE A 291 -4.94 9.69 22.09
N ALA A 292 -6.07 10.36 22.33
CA ALA A 292 -6.49 10.85 23.65
C ALA A 292 -7.91 10.33 23.91
N ASP A 293 -8.19 9.95 25.15
CA ASP A 293 -9.55 9.64 25.64
C ASP A 293 -10.33 10.96 25.70
N LYS A 294 -11.40 11.08 24.91
CA LYS A 294 -12.18 12.34 24.75
C LYS A 294 -12.92 12.66 26.05
N LYS A 295 -13.62 11.68 26.62
CA LYS A 295 -14.56 11.87 27.75
C LYS A 295 -13.79 11.98 29.07
N ARG A 296 -12.71 11.21 29.23
CA ARG A 296 -11.85 11.24 30.45
C ARG A 296 -10.77 12.31 30.31
N LYS A 297 -10.65 12.91 29.12
CA LYS A 297 -9.73 14.06 28.84
C LYS A 297 -8.30 13.67 29.21
N LYS A 298 -7.83 12.51 28.76
CA LYS A 298 -6.49 11.94 29.10
C LYS A 298 -5.76 11.58 27.80
N TYR A 299 -4.49 12.00 27.68
CA TYR A 299 -3.55 11.49 26.66
C TYR A 299 -3.23 10.02 27.00
N ILE A 300 -3.25 9.15 25.99
CA ILE A 300 -2.88 7.71 26.11
C ILE A 300 -1.45 7.56 25.58
N ASN A 301 -0.52 7.08 26.43
N ASN A 301 -0.53 7.08 26.43
CA ASN A 301 0.93 6.97 26.10
CA ASN A 301 0.91 6.94 26.14
C ASN A 301 1.17 5.70 25.29
C ASN A 301 1.17 5.69 25.29
N ASN A 302 0.53 5.59 24.11
CA ASN A 302 0.77 4.51 23.12
C ASN A 302 1.64 5.11 22.00
N LYS A 303 2.87 4.61 21.84
CA LYS A 303 3.88 5.16 20.89
C LYS A 303 3.65 4.53 19.51
N TYR A 304 2.61 4.95 18.80
CA TYR A 304 2.31 4.54 17.40
C TYR A 304 3.32 5.22 16.47
N ARG A 305 3.95 4.45 15.58
CA ARG A 305 5.01 4.93 14.67
C ARG A 305 4.78 4.36 13.27
N THR A 306 5.13 5.11 12.23
CA THR A 306 5.16 4.61 10.83
C THR A 306 6.09 5.50 9.99
N SER A 307 6.17 5.19 8.69
CA SER A 307 7.03 5.85 7.69
C SER A 307 6.63 7.30 7.49
N PRO A 308 7.53 8.17 6.96
CA PRO A 308 7.20 9.57 6.75
C PRO A 308 6.16 9.80 5.65
N PHE A 309 5.23 10.73 5.90
CA PHE A 309 4.27 11.27 4.90
C PHE A 309 3.82 12.67 5.37
N ASN A 310 3.44 13.52 4.42
CA ASN A 310 2.63 14.74 4.67
C ASN A 310 1.18 14.29 4.85
N LEU A 311 0.45 14.92 5.76
CA LEU A 311 -1.02 14.75 5.93
C LEU A 311 -1.66 16.13 6.03
N PHE A 312 -2.69 16.37 5.22
CA PHE A 312 -3.54 17.58 5.30
C PHE A 312 -4.92 17.16 5.83
N HIS A 313 -5.57 16.20 5.16
CA HIS A 313 -6.99 15.85 5.40
C HIS A 313 -7.14 14.41 5.90
N HIS A 314 -7.57 14.26 7.15
CA HIS A 314 -8.31 13.07 7.65
C HIS A 314 -9.57 12.92 6.80
N ILE A 315 -9.91 11.70 6.40
CA ILE A 315 -11.18 11.37 5.68
C ILE A 315 -12.26 11.15 6.76
N ASN A 316 -12.05 10.14 7.60
CA ASN A 316 -12.96 9.79 8.72
C ASN A 316 -12.18 8.91 9.69
N THR A 317 -12.64 8.87 10.94
CA THR A 317 -12.11 8.02 12.03
C THR A 317 -13.29 7.31 12.68
N TYR A 318 -13.15 6.06 13.10
CA TYR A 318 -14.21 5.36 13.86
C TYR A 318 -13.62 4.21 14.68
N GLU A 319 -14.41 3.75 15.64
CA GLU A 319 -14.08 2.68 16.60
C GLU A 319 -14.66 1.37 16.05
N ASP A 320 -13.85 0.32 16.01
CA ASP A 320 -14.26 -1.05 15.60
C ASP A 320 -13.65 -2.03 16.60
N HIS A 321 -14.46 -2.53 17.53
CA HIS A 321 -14.02 -3.32 18.71
C HIS A 321 -12.94 -2.51 19.43
N GLU A 322 -11.77 -3.08 19.73
CA GLU A 322 -10.73 -2.36 20.50
C GLU A 322 -9.67 -1.82 19.53
N PHE A 323 -10.10 -1.15 18.45
CA PHE A 323 -9.25 -0.60 17.37
C PHE A 323 -9.86 0.71 16.85
N LEU A 324 -9.00 1.69 16.56
CA LEU A 324 -9.38 2.94 15.84
C LEU A 324 -9.00 2.79 14.36
N ILE A 325 -9.97 2.96 13.47
CA ILE A 325 -9.81 2.98 11.99
C ILE A 325 -9.54 4.44 11.60
N VAL A 326 -8.39 4.71 11.00
CA VAL A 326 -7.90 6.09 10.70
C VAL A 326 -7.66 6.17 9.19
N ASP A 327 -8.64 6.71 8.45
CA ASP A 327 -8.57 6.91 6.97
C ASP A 327 -7.98 8.29 6.68
N LEU A 328 -6.87 8.33 5.93
CA LEU A 328 -6.04 9.54 5.69
C LEU A 328 -5.81 9.72 4.19
N CYS A 329 -5.77 10.98 3.73
CA CYS A 329 -5.19 11.40 2.43
C CYS A 329 -3.72 11.75 2.65
N CYS A 330 -2.82 10.83 2.31
CA CYS A 330 -1.36 10.92 2.60
C CYS A 330 -0.60 11.39 1.34
N TRP A 331 0.57 11.99 1.57
CA TRP A 331 1.59 12.28 0.53
C TRP A 331 2.90 11.61 0.97
N LYS A 332 3.37 10.63 0.19
CA LYS A 332 4.52 9.76 0.54
C LYS A 332 5.83 10.53 0.39
N GLY A 333 6.49 10.84 1.52
CA GLY A 333 7.73 11.62 1.59
C GLY A 333 7.70 12.59 2.76
N PHE A 334 8.82 13.22 3.10
CA PHE A 334 8.88 14.21 4.21
C PHE A 334 9.02 15.65 3.68
N GLU A 335 9.28 15.84 2.38
CA GLU A 335 9.30 17.20 1.77
C GLU A 335 7.89 17.79 1.87
N PHE A 336 7.79 19.07 2.25
CA PHE A 336 6.51 19.82 2.40
C PHE A 336 5.87 20.00 1.02
N VAL A 337 4.67 19.45 0.83
CA VAL A 337 3.91 19.46 -0.45
C VAL A 337 3.61 20.91 -0.85
N TYR A 338 3.50 21.81 0.13
CA TYR A 338 3.18 23.25 -0.08
C TYR A 338 4.28 23.93 -0.92
N ASN A 339 5.50 23.37 -0.93
CA ASN A 339 6.64 23.83 -1.78
C ASN A 339 6.24 23.83 -3.27
N TYR A 340 5.26 23.03 -3.67
CA TYR A 340 4.85 22.82 -5.09
C TYR A 340 3.64 23.69 -5.45
N LEU A 341 3.16 24.53 -4.52
CA LEU A 341 1.87 25.26 -4.66
C LEU A 341 2.11 26.78 -4.71
N TYR A 342 3.25 27.22 -5.24
CA TYR A 342 3.50 28.64 -5.61
C TYR A 342 2.75 28.93 -6.91
N LEU A 343 2.12 30.11 -7.00
CA LEU A 343 1.21 30.48 -8.12
C LEU A 343 1.98 30.46 -9.44
N ALA A 344 3.24 30.91 -9.44
CA ALA A 344 4.13 30.96 -10.63
C ALA A 344 4.26 29.56 -11.25
N ASN A 345 4.28 28.52 -10.40
CA ASN A 345 4.41 27.10 -10.82
C ASN A 345 3.04 26.58 -11.27
N LEU A 346 1.96 26.93 -10.56
CA LEU A 346 0.57 26.50 -10.89
C LEU A 346 0.06 27.21 -12.15
N ARG A 347 0.71 28.30 -12.58
CA ARG A 347 0.31 29.10 -13.78
C ARG A 347 1.14 28.71 -15.00
N GLU A 348 2.12 27.80 -14.85
CA GLU A 348 2.98 27.34 -15.97
C GLU A 348 2.14 26.50 -16.94
N ASN A 349 2.65 26.30 -18.16
CA ASN A 349 2.02 25.44 -19.20
C ASN A 349 2.08 23.99 -18.72
N TRP A 350 1.20 23.14 -19.28
CA TRP A 350 0.85 21.80 -18.75
C TRP A 350 2.08 20.89 -18.67
N GLU A 351 2.93 20.88 -19.71
CA GLU A 351 4.13 20.01 -19.77
C GLU A 351 5.10 20.38 -18.64
N GLU A 352 5.17 21.68 -18.29
CA GLU A 352 6.06 22.21 -17.23
C GLU A 352 5.44 21.90 -15.85
N VAL A 353 4.11 21.96 -15.74
CA VAL A 353 3.35 21.60 -14.51
C VAL A 353 3.66 20.14 -14.15
N LYS A 354 3.56 19.23 -15.14
CA LYS A 354 3.79 17.78 -14.94
C LYS A 354 5.25 17.54 -14.55
N LYS A 355 6.20 18.23 -15.19
CA LYS A 355 7.66 18.08 -14.89
C LYS A 355 7.95 18.56 -13.46
N ASN A 356 7.32 19.65 -13.03
CA ASN A 356 7.51 20.24 -11.68
C ASN A 356 7.07 19.25 -10.59
N ALA A 357 6.07 18.40 -10.89
CA ALA A 357 5.44 17.47 -9.92
C ALA A 357 6.18 16.12 -9.89
N ARG A 358 7.13 15.87 -10.80
CA ARG A 358 7.82 14.55 -10.97
C ARG A 358 8.46 14.11 -9.64
N LYS A 359 9.14 15.01 -8.92
CA LYS A 359 9.94 14.67 -7.71
C LYS A 359 9.14 14.99 -6.44
N ALA A 360 7.87 15.37 -6.55
CA ALA A 360 6.99 15.67 -5.41
C ALA A 360 6.58 14.38 -4.71
N PRO A 361 6.21 14.44 -3.42
CA PRO A 361 5.59 13.28 -2.75
C PRO A 361 4.40 12.76 -3.55
N GLN A 362 4.19 11.45 -3.55
CA GLN A 362 3.08 10.76 -4.27
C GLN A 362 1.86 10.72 -3.36
N PRO A 363 0.66 11.13 -3.84
CA PRO A 363 -0.55 11.05 -3.04
C PRO A 363 -1.02 9.59 -2.91
N GLU A 364 -1.64 9.26 -1.79
CA GLU A 364 -2.13 7.88 -1.51
C GLU A 364 -3.16 7.94 -0.39
N VAL A 365 -4.33 7.31 -0.58
CA VAL A 365 -5.34 7.13 0.49
C VAL A 365 -4.96 5.87 1.28
N ARG A 366 -4.76 6.03 2.59
CA ARG A 366 -4.29 4.95 3.48
C ARG A 366 -5.25 4.78 4.66
N ARG A 367 -5.54 3.53 5.02
CA ARG A 367 -6.22 3.14 6.28
C ARG A 367 -5.17 2.63 7.26
N TYR A 368 -5.00 3.32 8.39
CA TYR A 368 -4.22 2.85 9.56
C TYR A 368 -5.20 2.30 10.60
N VAL A 369 -4.80 1.26 11.32
CA VAL A 369 -5.60 0.65 12.42
C VAL A 369 -4.75 0.69 13.69
N LEU A 370 -5.21 1.45 14.69
CA LEU A 370 -4.53 1.68 15.98
C LEU A 370 -5.16 0.76 17.02
N PRO A 371 -4.45 -0.29 17.50
CA PRO A 371 -4.95 -1.09 18.61
C PRO A 371 -4.96 -0.30 19.93
N LEU A 372 -6.05 -0.40 20.69
CA LEU A 372 -6.24 0.28 22.00
C LEU A 372 -5.81 -0.65 23.15
N ASN A 373 -5.91 -1.97 22.95
CA ASN A 373 -5.59 -3.01 23.96
C ASN A 373 -4.23 -3.63 23.62
N ILE A 374 -3.15 -3.11 24.23
CA ILE A 374 -1.74 -3.57 24.00
C ILE A 374 -1.35 -4.55 25.11
N ASP A 375 -1.23 -5.84 24.77
CA ASP A 375 -0.74 -6.91 25.68
C ASP A 375 0.75 -7.14 25.41
N LYS A 376 1.60 -7.01 26.44
CA LYS A 376 3.07 -7.22 26.36
C LYS A 376 3.39 -8.64 25.85
N ALA A 377 2.53 -9.61 26.16
CA ALA A 377 2.64 -11.03 25.72
C ALA A 377 2.66 -11.14 24.19
N ASP A 378 2.13 -10.13 23.48
CA ASP A 378 2.07 -10.12 21.98
C ASP A 378 3.24 -9.34 21.39
N THR A 379 4.28 -9.03 22.19
CA THR A 379 5.51 -8.34 21.72
C THR A 379 6.06 -9.09 20.49
N GLY A 380 6.29 -8.38 19.39
CA GLY A 380 6.90 -8.90 18.15
C GLY A 380 5.86 -9.37 17.14
N LYS A 381 4.58 -9.30 17.48
CA LYS A 381 3.46 -9.82 16.65
C LYS A 381 2.57 -8.68 16.15
N ASN A 382 1.71 -8.98 15.17
CA ASN A 382 0.70 -8.07 14.59
C ASN A 382 -0.53 -8.06 15.52
N LEU A 383 -0.89 -6.89 16.07
CA LEU A 383 -2.00 -6.74 17.04
C LEU A 383 -3.34 -6.57 16.34
N VAL A 384 -3.35 -6.27 15.03
CA VAL A 384 -4.59 -5.97 14.25
C VAL A 384 -5.25 -7.30 13.87
N THR A 385 -6.12 -7.81 14.73
CA THR A 385 -6.81 -9.12 14.63
C THR A 385 -8.15 -8.97 13.90
N LEU A 386 -8.51 -7.76 13.45
CA LEU A 386 -9.75 -7.50 12.66
C LEU A 386 -9.72 -8.34 11.40
N PRO A 387 -10.88 -8.87 10.95
CA PRO A 387 -10.92 -9.81 9.83
C PRO A 387 -10.97 -9.20 8.42
N ASN A 388 -11.17 -7.87 8.31
CA ASN A 388 -11.56 -7.16 7.07
CA ASN A 388 -11.52 -7.20 7.03
C ASN A 388 -10.50 -6.12 6.67
N THR A 389 -9.29 -6.21 7.22
CA THR A 389 -8.18 -5.25 6.91
C THR A 389 -6.86 -5.99 6.70
N THR A 390 -5.96 -5.38 5.93
CA THR A 390 -4.54 -5.81 5.74
C THR A 390 -3.60 -4.88 6.50
N ALA A 391 -4.13 -3.85 7.18
CA ALA A 391 -3.35 -2.96 8.06
C ALA A 391 -2.78 -3.77 9.23
N THR A 392 -1.56 -3.46 9.65
CA THR A 392 -0.83 -4.17 10.73
C THR A 392 -0.32 -3.15 11.76
N ALA A 393 -0.13 -3.61 12.99
CA ALA A 393 0.48 -2.87 14.11
C ALA A 393 1.37 -3.84 14.91
N ILE A 394 2.70 -3.68 14.78
CA ILE A 394 3.70 -4.58 15.43
C ILE A 394 4.13 -3.96 16.75
N LEU A 395 3.90 -4.66 17.87
CA LEU A 395 4.40 -4.26 19.20
C LEU A 395 5.89 -4.62 19.29
N CYS A 396 6.77 -3.62 19.36
CA CYS A 396 8.23 -3.77 19.48
C CYS A 396 8.62 -3.85 20.96
N SER A 397 9.86 -4.28 21.24
CA SER A 397 10.40 -4.49 22.61
C SER A 397 10.54 -3.15 23.36
N ASP A 398 10.83 -2.06 22.63
CA ASP A 398 10.92 -0.68 23.20
C ASP A 398 9.51 -0.07 23.36
N GLU A 399 8.47 -0.85 23.06
CA GLU A 399 7.04 -0.53 23.30
C GLU A 399 6.49 0.40 22.20
N THR A 400 7.31 0.74 21.19
CA THR A 400 6.81 1.41 19.96
C THR A 400 5.90 0.41 19.23
N ILE A 401 4.81 0.91 18.65
CA ILE A 401 3.84 0.11 17.84
C ILE A 401 4.02 0.57 16.39
N TRP A 402 4.68 -0.23 15.56
CA TRP A 402 4.97 0.11 14.14
C TRP A 402 3.74 -0.23 13.29
N LEU A 403 3.19 0.77 12.58
CA LEU A 403 1.96 0.64 11.76
C LEU A 403 2.33 0.48 10.28
N GLU A 404 1.65 -0.44 9.58
CA GLU A 404 1.62 -0.51 8.10
C GLU A 404 0.18 -0.26 7.66
N PRO A 405 -0.06 0.59 6.64
CA PRO A 405 -1.41 0.91 6.22
C PRO A 405 -1.99 -0.15 5.27
N GLU A 406 -3.32 -0.16 5.14
CA GLU A 406 -4.05 -0.72 3.99
C GLU A 406 -4.27 0.43 2.99
N VAL A 407 -3.79 0.28 1.76
CA VAL A 407 -3.92 1.31 0.70
C VAL A 407 -5.33 1.18 0.09
N LEU A 408 -6.12 2.26 0.15
CA LEU A 408 -7.53 2.29 -0.36
C LEU A 408 -7.54 2.80 -1.80
N PHE A 409 -6.65 3.73 -2.15
CA PHE A 409 -6.51 4.30 -3.52
C PHE A 409 -5.09 4.82 -3.73
N SER A 410 -4.54 4.57 -4.91
CA SER A 410 -3.19 5.01 -5.34
C SER A 410 -3.17 5.20 -6.87
N GLY A 411 -2.83 6.41 -7.32
CA GLY A 411 -2.71 6.77 -8.75
C GLY A 411 -1.51 7.69 -8.99
N PRO A 412 -0.74 7.50 -10.09
CA PRO A 412 0.51 8.26 -10.30
C PRO A 412 0.28 9.78 -10.43
N ARG A 413 0.62 10.52 -9.37
CA ARG A 413 0.38 11.98 -9.25
C ARG A 413 -1.11 12.28 -9.43
N GLN A 414 -1.97 11.30 -9.10
CA GLN A 414 -3.44 11.40 -9.13
C GLN A 414 -3.94 11.33 -7.68
N ALA A 415 -4.09 12.49 -7.04
CA ALA A 415 -4.48 12.62 -5.61
C ALA A 415 -6.01 12.56 -5.50
N PHE A 416 -6.52 11.67 -4.65
CA PHE A 416 -7.88 11.75 -4.05
C PHE A 416 -7.75 12.67 -2.83
N GLU A 417 -8.15 13.93 -2.98
CA GLU A 417 -7.92 15.01 -1.98
C GLU A 417 -9.22 15.73 -1.67
N PHE A 418 -9.17 16.71 -0.75
CA PHE A 418 -10.34 17.45 -0.24
C PHE A 418 -11.47 16.46 0.02
N PRO A 419 -11.25 15.45 0.90
CA PRO A 419 -12.22 14.39 1.12
C PRO A 419 -13.45 14.90 1.89
N GLN A 420 -14.62 14.36 1.56
CA GLN A 420 -15.91 14.65 2.23
C GLN A 420 -16.66 13.33 2.39
N ILE A 421 -17.46 13.22 3.45
CA ILE A 421 -18.35 12.06 3.71
C ILE A 421 -19.76 12.59 4.02
N ASN A 422 -20.71 11.69 4.25
CA ASN A 422 -22.00 12.02 4.91
C ASN A 422 -21.69 12.29 6.38
N TYR A 423 -21.19 13.49 6.68
CA TYR A 423 -20.53 13.85 7.96
C TYR A 423 -21.53 13.78 9.13
N GLN A 424 -22.72 14.36 8.96
CA GLN A 424 -23.73 14.52 10.04
C GLN A 424 -24.13 13.16 10.62
N LYS A 425 -24.19 12.11 9.79
CA LYS A 425 -24.70 10.77 10.19
C LYS A 425 -23.57 9.75 10.34
N TYR A 426 -22.41 9.95 9.68
CA TYR A 426 -21.32 8.93 9.62
C TYR A 426 -19.97 9.48 10.12
N GLY A 427 -19.87 10.78 10.43
CA GLY A 427 -18.66 11.37 11.04
C GLY A 427 -18.35 10.69 12.36
N GLY A 428 -17.15 10.12 12.50
CA GLY A 428 -16.68 9.45 13.72
C GLY A 428 -17.24 8.04 13.87
N LYS A 429 -17.87 7.50 12.83
CA LYS A 429 -18.64 6.22 12.90
C LYS A 429 -18.31 5.33 11.71
N PRO A 430 -18.51 4.00 11.84
CA PRO A 430 -18.37 3.08 10.70
C PRO A 430 -19.07 3.65 9.45
N TYR A 431 -18.39 3.63 8.31
CA TYR A 431 -18.85 4.25 7.04
C TYR A 431 -18.28 3.46 5.85
N THR A 432 -18.76 3.77 4.65
CA THR A 432 -18.46 3.04 3.39
C THR A 432 -17.95 4.00 2.30
N TYR A 433 -18.43 5.24 2.27
CA TYR A 433 -18.28 6.15 1.09
C TYR A 433 -17.55 7.43 1.49
N ALA A 434 -16.59 7.82 0.65
CA ALA A 434 -15.90 9.13 0.67
C ALA A 434 -15.96 9.73 -0.73
N TYR A 435 -16.11 11.05 -0.81
CA TYR A 435 -16.08 11.87 -2.05
C TYR A 435 -14.83 12.73 -1.99
N GLY A 436 -14.23 13.04 -3.14
CA GLY A 436 -12.95 13.75 -3.21
C GLY A 436 -12.80 14.57 -4.47
N LEU A 437 -11.92 15.56 -4.40
CA LEU A 437 -11.42 16.32 -5.58
C LEU A 437 -10.17 15.58 -6.09
N GLY A 438 -10.19 15.17 -7.36
CA GLY A 438 -9.06 14.51 -8.02
C GLY A 438 -8.07 15.52 -8.55
N LEU A 439 -6.84 15.52 -8.04
CA LEU A 439 -5.73 16.39 -8.50
C LEU A 439 -4.87 15.64 -9.51
N ASN A 440 -4.60 16.26 -10.66
CA ASN A 440 -3.75 15.74 -11.77
C ASN A 440 -2.48 16.60 -11.80
N HIS A 441 -1.40 16.13 -11.18
CA HIS A 441 -0.14 16.89 -10.95
C HIS A 441 -0.48 18.21 -10.26
N PHE A 442 -1.37 18.15 -9.25
CA PHE A 442 -1.82 19.26 -8.35
C PHE A 442 -2.94 20.08 -8.99
N VAL A 443 -3.30 19.82 -10.26
CA VAL A 443 -4.41 20.52 -10.98
C VAL A 443 -5.70 19.75 -10.75
N PRO A 444 -6.74 20.36 -10.14
CA PRO A 444 -8.02 19.69 -9.94
C PRO A 444 -8.79 19.57 -11.25
N ASP A 445 -9.06 18.34 -11.73
CA ASP A 445 -9.66 18.11 -13.07
C ASP A 445 -10.76 17.05 -13.04
N ARG A 446 -11.20 16.59 -11.87
CA ARG A 446 -12.24 15.53 -11.77
C ARG A 446 -12.80 15.44 -10.35
N LEU A 447 -13.96 14.80 -10.21
CA LEU A 447 -14.61 14.47 -8.92
C LEU A 447 -14.65 12.95 -8.77
N CYS A 448 -14.41 12.45 -7.56
CA CYS A 448 -14.19 11.02 -7.26
C CYS A 448 -15.09 10.56 -6.11
N LYS A 449 -15.58 9.33 -6.20
CA LYS A 449 -16.22 8.60 -5.09
C LYS A 449 -15.41 7.35 -4.82
N LEU A 450 -15.12 7.06 -3.56
CA LEU A 450 -14.36 5.86 -3.10
C LEU A 450 -15.25 5.07 -2.14
N ASN A 451 -15.48 3.80 -2.45
CA ASN A 451 -15.98 2.78 -1.49
C ASN A 451 -14.76 2.27 -0.72
N VAL A 452 -14.64 2.64 0.57
CA VAL A 452 -13.43 2.35 1.41
C VAL A 452 -13.42 0.87 1.83
N LYS A 453 -14.51 0.12 1.61
CA LYS A 453 -14.59 -1.33 1.92
C LYS A 453 -14.15 -2.18 0.72
N THR A 454 -14.64 -1.85 -0.49
CA THR A 454 -14.39 -2.62 -1.74
C THR A 454 -13.26 -1.97 -2.56
N LYS A 455 -12.96 -0.69 -2.32
CA LYS A 455 -11.94 0.12 -3.05
C LYS A 455 -12.42 0.44 -4.48
N GLU A 456 -13.70 0.19 -4.78
CA GLU A 456 -14.31 0.62 -6.06
C GLU A 456 -14.34 2.16 -6.09
N THR A 457 -14.10 2.75 -7.26
CA THR A 457 -14.13 4.22 -7.49
C THR A 457 -15.12 4.55 -8.60
N TRP A 458 -15.71 5.75 -8.51
CA TRP A 458 -16.50 6.42 -9.58
C TRP A 458 -15.83 7.75 -9.89
N VAL A 459 -15.80 8.14 -11.17
CA VAL A 459 -15.18 9.42 -11.61
C VAL A 459 -16.20 10.20 -12.45
N TRP A 460 -16.28 11.52 -12.20
CA TRP A 460 -16.91 12.52 -13.09
C TRP A 460 -15.81 13.43 -13.62
N GLN A 461 -15.74 13.60 -14.94
CA GLN A 461 -14.69 14.40 -15.60
C GLN A 461 -15.18 14.85 -16.98
N GLU A 462 -14.99 16.14 -17.29
CA GLU A 462 -15.18 16.73 -18.64
C GLU A 462 -13.90 17.47 -19.02
N PRO A 463 -13.56 17.54 -20.33
CA PRO A 463 -12.36 18.26 -20.77
C PRO A 463 -12.38 19.73 -20.37
N ASP A 464 -11.23 20.28 -19.97
CA ASP A 464 -11.03 21.73 -19.72
C ASP A 464 -12.02 22.21 -18.65
N SER A 465 -12.28 21.37 -17.64
CA SER A 465 -13.23 21.65 -16.53
C SER A 465 -12.55 21.32 -15.20
N TYR A 466 -12.45 22.31 -14.32
CA TYR A 466 -11.62 22.28 -13.08
C TYR A 466 -12.54 22.44 -11.87
N PRO A 467 -12.98 21.32 -11.27
CA PRO A 467 -13.95 21.36 -10.17
C PRO A 467 -13.30 21.69 -8.81
N SER A 468 -14.15 21.91 -7.81
CA SER A 468 -13.77 22.17 -6.40
C SER A 468 -14.14 20.95 -5.54
N GLU A 469 -13.71 20.96 -4.28
CA GLU A 469 -14.13 19.97 -3.24
C GLU A 469 -15.61 19.67 -3.41
N PRO A 470 -16.02 18.38 -3.50
CA PRO A 470 -17.43 18.02 -3.54
C PRO A 470 -18.01 17.99 -2.12
N ILE A 471 -19.15 18.64 -1.90
CA ILE A 471 -19.83 18.64 -0.58
C ILE A 471 -21.12 17.82 -0.72
N PHE A 472 -21.27 16.82 0.15
CA PHE A 472 -22.40 15.87 0.16
C PHE A 472 -23.58 16.51 0.89
N VAL A 473 -24.77 16.44 0.27
CA VAL A 473 -26.06 16.84 0.90
C VAL A 473 -26.99 15.62 0.84
N SER A 474 -27.38 15.12 1.99
CA SER A 474 -28.32 13.97 2.12
C SER A 474 -29.70 14.41 1.65
N HIS A 475 -30.44 13.52 0.98
CA HIS A 475 -31.92 13.62 0.95
C HIS A 475 -32.35 13.68 2.41
N PRO A 476 -33.21 14.65 2.82
CA PRO A 476 -33.57 14.80 4.24
C PRO A 476 -34.20 13.55 4.86
N ASP A 477 -34.75 12.64 4.04
CA ASP A 477 -35.46 11.40 4.48
C ASP A 477 -34.61 10.15 4.18
N ALA A 478 -33.33 10.33 3.88
CA ALA A 478 -32.40 9.22 3.52
C ALA A 478 -32.20 8.30 4.72
N LEU A 479 -32.23 6.99 4.49
CA LEU A 479 -31.79 5.93 5.43
C LEU A 479 -30.42 5.37 5.04
N GLU A 480 -30.08 5.39 3.74
CA GLU A 480 -28.79 4.89 3.19
C GLU A 480 -27.74 6.01 3.19
N GLU A 481 -26.46 5.62 3.22
CA GLU A 481 -25.29 6.51 3.48
C GLU A 481 -25.12 7.50 2.32
N ASP A 482 -25.33 7.05 1.07
CA ASP A 482 -25.03 7.84 -0.16
C ASP A 482 -26.33 8.22 -0.88
N ASP A 483 -27.45 8.32 -0.15
CA ASP A 483 -28.75 8.78 -0.70
C ASP A 483 -28.79 10.30 -0.67
N GLY A 484 -28.34 10.95 -1.74
CA GLY A 484 -28.29 12.42 -1.83
C GLY A 484 -27.50 12.88 -3.04
N VAL A 485 -26.99 14.12 -3.00
CA VAL A 485 -26.20 14.74 -4.10
C VAL A 485 -24.86 15.20 -3.54
N VAL A 486 -23.88 15.42 -4.42
CA VAL A 486 -22.65 16.21 -4.11
C VAL A 486 -22.71 17.48 -4.96
N LEU A 487 -22.29 18.60 -4.37
CA LEU A 487 -22.22 19.93 -5.01
C LEU A 487 -20.76 20.29 -5.23
N SER A 488 -20.40 20.68 -6.46
CA SER A 488 -19.05 21.16 -6.82
C SER A 488 -19.16 22.45 -7.64
N VAL A 489 -18.27 23.41 -7.39
CA VAL A 489 -18.11 24.63 -8.23
C VAL A 489 -17.05 24.31 -9.29
N VAL A 490 -17.42 24.42 -10.57
CA VAL A 490 -16.57 24.01 -11.73
C VAL A 490 -16.21 25.25 -12.55
N VAL A 491 -14.91 25.45 -12.80
CA VAL A 491 -14.36 26.49 -13.72
C VAL A 491 -14.20 25.84 -15.10
N SER A 492 -14.88 26.38 -16.11
CA SER A 492 -14.93 25.88 -17.50
C SER A 492 -14.56 27.00 -18.47
N PRO A 493 -13.27 27.36 -18.58
CA PRO A 493 -12.85 28.52 -19.38
C PRO A 493 -12.83 28.28 -20.90
N GLY A 494 -13.20 27.09 -21.36
CA GLY A 494 -13.38 26.76 -22.79
C GLY A 494 -14.25 27.78 -23.48
N ALA A 495 -13.77 28.31 -24.62
CA ALA A 495 -14.34 29.47 -25.36
C ALA A 495 -15.80 29.20 -25.77
N GLY A 496 -16.17 27.92 -25.99
CA GLY A 496 -17.53 27.50 -26.35
C GLY A 496 -18.37 27.13 -25.14
N GLN A 497 -18.14 27.79 -23.99
CA GLN A 497 -18.86 27.53 -22.71
C GLN A 497 -18.89 28.81 -21.87
N LYS A 498 -19.86 28.90 -20.94
CA LYS A 498 -19.88 29.93 -19.86
C LYS A 498 -18.72 29.65 -18.91
N PRO A 499 -18.14 30.70 -18.28
CA PRO A 499 -16.87 30.55 -17.56
C PRO A 499 -16.84 29.64 -16.32
N ALA A 500 -17.99 29.40 -15.68
CA ALA A 500 -18.11 28.58 -14.44
C ALA A 500 -19.56 28.12 -14.25
N TYR A 501 -19.75 27.10 -13.41
CA TYR A 501 -21.09 26.58 -13.05
C TYR A 501 -21.04 25.78 -11.75
N LEU A 502 -22.18 25.76 -11.05
CA LEU A 502 -22.46 24.85 -9.91
C LEU A 502 -22.88 23.49 -10.49
N LEU A 503 -22.15 22.42 -10.17
CA LEU A 503 -22.44 21.04 -10.62
C LEU A 503 -23.17 20.30 -9.50
N ILE A 504 -24.24 19.58 -9.84
CA ILE A 504 -24.97 18.65 -8.92
C ILE A 504 -24.89 17.24 -9.51
N LEU A 505 -24.20 16.33 -8.81
CA LEU A 505 -24.10 14.90 -9.18
C LEU A 505 -24.96 14.09 -8.21
N ASN A 506 -25.56 12.99 -8.69
CA ASN A 506 -26.16 11.93 -7.85
C ASN A 506 -25.01 11.26 -7.07
N ALA A 507 -25.12 11.20 -5.74
CA ALA A 507 -24.07 10.66 -4.83
C ALA A 507 -23.92 9.14 -5.02
N LYS A 508 -24.92 8.47 -5.60
CA LYS A 508 -24.90 7.00 -5.88
C LYS A 508 -23.79 6.66 -6.87
N ASP A 509 -23.76 7.32 -8.04
CA ASP A 509 -22.89 6.93 -9.20
C ASP A 509 -22.14 8.13 -9.79
N LEU A 510 -22.22 9.31 -9.17
CA LEU A 510 -21.64 10.59 -9.66
C LEU A 510 -22.16 10.90 -11.08
N SER A 511 -23.38 10.50 -11.42
CA SER A 511 -24.06 10.87 -12.68
C SER A 511 -24.64 12.29 -12.52
N GLU A 512 -24.55 13.12 -13.56
CA GLU A 512 -24.97 14.54 -13.53
C GLU A 512 -26.50 14.61 -13.35
N VAL A 513 -26.95 15.51 -12.47
CA VAL A 513 -28.39 15.78 -12.18
C VAL A 513 -28.76 17.15 -12.77
N ALA A 514 -27.90 18.17 -12.58
CA ALA A 514 -28.11 19.54 -13.07
C ALA A 514 -26.80 20.35 -13.00
N ARG A 515 -26.74 21.47 -13.73
CA ARG A 515 -25.75 22.55 -13.49
C ARG A 515 -26.45 23.90 -13.53
N ALA A 516 -25.92 24.87 -12.77
CA ALA A 516 -26.34 26.29 -12.74
C ALA A 516 -25.16 27.15 -13.22
N GLU A 517 -25.22 27.61 -14.46
CA GLU A 517 -24.11 28.34 -15.14
C GLU A 517 -24.18 29.83 -14.80
N VAL A 518 -23.01 30.45 -14.55
CA VAL A 518 -22.85 31.90 -14.28
C VAL A 518 -21.95 32.50 -15.37
N GLU A 519 -22.10 33.81 -15.65
CA GLU A 519 -21.46 34.51 -16.78
C GLU A 519 -20.15 35.18 -16.36
N ILE A 520 -19.70 34.95 -15.11
CA ILE A 520 -18.41 35.48 -14.57
C ILE A 520 -17.52 34.32 -14.13
N ASN A 521 -16.19 34.53 -14.15
CA ASN A 521 -15.18 33.55 -13.68
C ASN A 521 -15.29 33.42 -12.16
N ILE A 522 -14.95 32.23 -11.64
CA ILE A 522 -14.81 31.94 -10.18
C ILE A 522 -13.40 31.39 -9.98
N PRO A 523 -12.58 31.98 -9.08
CA PRO A 523 -11.26 31.44 -8.79
C PRO A 523 -11.35 30.16 -7.94
N VAL A 524 -10.19 29.57 -7.64
CA VAL A 524 -10.05 28.36 -6.76
C VAL A 524 -10.76 28.64 -5.43
N THR A 525 -11.54 27.67 -4.94
CA THR A 525 -12.08 27.61 -3.55
C THR A 525 -11.57 26.34 -2.88
N PHE A 526 -11.33 26.39 -1.58
CA PHE A 526 -10.74 25.27 -0.79
C PHE A 526 -11.88 24.47 -0.13
N HIS A 527 -12.48 25.02 0.92
CA HIS A 527 -13.48 24.31 1.77
C HIS A 527 -14.74 25.16 1.93
N GLY A 528 -15.80 24.52 2.41
CA GLY A 528 -17.11 25.15 2.62
C GLY A 528 -18.08 24.21 3.32
N LEU A 529 -19.36 24.55 3.31
CA LEU A 529 -20.45 23.74 3.88
C LEU A 529 -21.75 24.06 3.14
N PHE A 530 -22.73 23.16 3.24
CA PHE A 530 -24.13 23.41 2.86
C PHE A 530 -24.90 23.80 4.13
N LYS A 531 -25.44 25.02 4.16
CA LYS A 531 -26.32 25.53 5.24
C LYS A 531 -27.77 25.31 4.81
N LYS A 532 -28.46 24.35 5.42
CA LYS A 532 -29.89 24.01 5.14
C LYS A 532 -30.78 25.14 5.68
N SER A 533 -31.88 25.41 4.99
CA SER A 533 -32.92 26.41 5.38
C SER A 533 -34.31 25.88 5.02
N SER B 2 -8.93 -12.51 -3.98
CA SER B 2 -9.18 -13.14 -2.64
C SER B 2 -10.04 -14.40 -2.81
N SER B 3 -10.10 -15.22 -1.76
CA SER B 3 -11.00 -16.41 -1.63
C SER B 3 -12.42 -15.94 -1.28
N GLN B 4 -13.43 -16.69 -1.72
CA GLN B 4 -14.86 -16.48 -1.39
C GLN B 4 -15.42 -17.74 -0.72
N VAL B 5 -14.56 -18.47 0.00
CA VAL B 5 -14.83 -19.86 0.47
C VAL B 5 -14.32 -20.02 1.91
N GLU B 6 -15.08 -20.74 2.75
CA GLU B 6 -14.66 -21.29 4.06
C GLU B 6 -14.38 -22.78 3.87
N HIS B 7 -13.69 -23.42 4.82
CA HIS B 7 -13.23 -24.83 4.71
C HIS B 7 -13.61 -25.64 5.95
N PRO B 8 -14.89 -25.63 6.38
CA PRO B 8 -15.31 -26.34 7.59
C PRO B 8 -15.08 -27.86 7.55
N ALA B 9 -15.15 -28.46 6.35
CA ALA B 9 -14.99 -29.91 6.13
C ALA B 9 -13.53 -30.35 6.37
N GLY B 10 -12.58 -29.41 6.36
CA GLY B 10 -11.18 -29.62 6.76
C GLY B 10 -10.41 -30.51 5.80
N GLY B 11 -10.78 -30.50 4.51
CA GLY B 11 -10.17 -31.33 3.44
C GLY B 11 -8.69 -31.03 3.24
N TYR B 12 -8.26 -29.81 3.59
CA TYR B 12 -6.86 -29.32 3.44
C TYR B 12 -5.88 -30.20 4.23
N LYS B 13 -6.38 -30.99 5.21
CA LYS B 13 -5.57 -31.91 6.03
C LYS B 13 -4.92 -33.00 5.16
N LYS B 14 -5.53 -33.33 4.01
CA LYS B 14 -5.01 -34.35 3.05
C LYS B 14 -3.74 -33.85 2.36
N LEU B 15 -3.45 -32.54 2.41
CA LEU B 15 -2.17 -31.95 1.90
C LEU B 15 -0.99 -32.44 2.74
N PHE B 16 -1.24 -32.81 4.00
CA PHE B 16 -0.19 -33.08 5.02
C PHE B 16 -0.30 -34.53 5.50
N GLU B 17 -0.80 -35.43 4.64
CA GLU B 17 -0.97 -36.88 4.94
C GLU B 17 -0.01 -37.68 4.06
N THR B 18 0.74 -38.60 4.69
CA THR B 18 1.70 -39.53 4.03
C THR B 18 1.00 -40.26 2.87
N VAL B 19 1.74 -40.49 1.77
CA VAL B 19 1.30 -41.32 0.61
C VAL B 19 2.41 -42.32 0.28
N GLU B 20 2.06 -43.36 -0.47
CA GLU B 20 3.01 -44.36 -1.03
C GLU B 20 3.44 -43.89 -2.42
N GLU B 21 4.70 -44.13 -2.80
CA GLU B 21 5.20 -43.91 -4.19
C GLU B 21 4.60 -44.98 -5.11
N LEU B 22 4.68 -44.77 -6.42
CA LEU B 22 4.22 -45.75 -7.45
C LEU B 22 5.42 -46.52 -7.99
N SER B 23 5.20 -47.75 -8.46
CA SER B 23 6.22 -48.62 -9.11
C SER B 23 6.34 -48.23 -10.59
N SER B 24 5.27 -47.69 -11.19
CA SER B 24 5.23 -47.19 -12.59
C SER B 24 4.09 -46.20 -12.76
N PRO B 25 4.08 -45.38 -13.84
CA PRO B 25 3.05 -44.35 -14.02
C PRO B 25 1.60 -44.87 -14.08
N LEU B 26 0.67 -44.06 -13.56
CA LEU B 26 -0.81 -44.29 -13.65
C LEU B 26 -1.35 -43.53 -14.87
N THR B 27 -2.44 -44.02 -15.45
CA THR B 27 -3.29 -43.28 -16.42
C THR B 27 -4.20 -42.33 -15.63
N ALA B 28 -4.43 -41.13 -16.14
CA ALA B 28 -5.28 -40.08 -15.53
C ALA B 28 -6.48 -39.81 -16.45
N HIS B 29 -7.70 -39.95 -15.93
CA HIS B 29 -8.97 -39.72 -16.67
C HIS B 29 -9.07 -38.23 -17.04
N VAL B 30 -8.99 -37.93 -18.33
CA VAL B 30 -9.09 -36.56 -18.89
C VAL B 30 -10.58 -36.19 -19.02
N THR B 31 -10.95 -35.01 -18.48
CA THR B 31 -12.20 -34.28 -18.82
C THR B 31 -11.79 -32.97 -19.50
N GLY B 32 -12.55 -32.52 -20.51
CA GLY B 32 -12.14 -31.43 -21.41
C GLY B 32 -11.07 -31.89 -22.39
N ARG B 33 -10.26 -30.96 -22.90
CA ARG B 33 -9.25 -31.22 -23.95
C ARG B 33 -7.87 -30.76 -23.46
N ILE B 34 -6.94 -31.70 -23.25
CA ILE B 34 -5.50 -31.42 -23.04
C ILE B 34 -4.96 -30.85 -24.34
N PRO B 35 -4.37 -29.63 -24.36
CA PRO B 35 -3.82 -29.07 -25.59
C PRO B 35 -2.85 -30.04 -26.26
N LEU B 36 -2.96 -30.22 -27.58
CA LEU B 36 -2.15 -31.20 -28.37
C LEU B 36 -0.73 -30.69 -28.55
N TRP B 37 -0.50 -29.39 -28.34
CA TRP B 37 0.85 -28.74 -28.38
C TRP B 37 1.55 -28.91 -27.03
N LEU B 38 0.84 -29.33 -25.98
CA LEU B 38 1.41 -29.54 -24.63
C LEU B 38 2.10 -30.91 -24.60
N THR B 39 3.40 -30.93 -24.87
CA THR B 39 4.25 -32.15 -24.95
C THR B 39 5.44 -32.00 -24.02
N GLY B 40 5.49 -32.78 -22.94
CA GLY B 40 6.56 -32.73 -21.93
C GLY B 40 6.08 -33.21 -20.57
N SER B 41 6.80 -32.83 -19.52
CA SER B 41 6.63 -33.33 -18.13
C SER B 41 6.52 -32.16 -17.15
N LEU B 42 5.43 -32.09 -16.39
CA LEU B 42 5.34 -31.22 -15.20
C LEU B 42 6.02 -31.95 -14.03
N LEU B 43 7.20 -31.49 -13.64
CA LEU B 43 8.00 -32.02 -12.50
C LEU B 43 7.81 -31.08 -11.30
N ARG B 44 7.45 -31.62 -10.13
CA ARG B 44 7.18 -30.84 -8.89
C ARG B 44 7.71 -31.62 -7.68
N CYS B 45 8.23 -30.90 -6.67
CA CYS B 45 8.75 -31.45 -5.40
C CYS B 45 7.85 -31.03 -4.23
N GLY B 46 7.77 -31.89 -3.22
CA GLY B 46 6.98 -31.67 -1.99
C GLY B 46 7.25 -32.76 -0.97
N PRO B 47 6.82 -32.57 0.30
CA PRO B 47 6.90 -33.63 1.30
C PRO B 47 5.88 -34.74 0.99
N GLY B 48 6.27 -36.00 1.19
CA GLY B 48 5.43 -37.18 0.93
C GLY B 48 5.28 -38.10 2.13
N LEU B 49 6.24 -38.05 3.06
CA LEU B 49 6.29 -38.90 4.29
C LEU B 49 6.44 -37.98 5.51
N PHE B 50 5.37 -37.85 6.32
CA PHE B 50 5.26 -36.86 7.41
C PHE B 50 5.50 -37.53 8.78
N GLU B 51 5.88 -38.81 8.79
CA GLU B 51 6.34 -39.54 10.00
C GLU B 51 7.16 -40.76 9.57
N VAL B 52 8.16 -41.12 10.39
CA VAL B 52 8.96 -42.37 10.27
C VAL B 52 8.52 -43.31 11.40
N GLY B 53 7.54 -44.17 11.14
CA GLY B 53 6.91 -45.05 12.15
C GLY B 53 6.05 -44.26 13.10
N SER B 54 6.48 -44.14 14.35
CA SER B 54 5.78 -43.42 15.45
C SER B 54 6.44 -42.06 15.71
N GLU B 55 7.59 -41.78 15.08
CA GLU B 55 8.32 -40.47 15.17
C GLU B 55 7.73 -39.52 14.14
N PRO B 56 7.10 -38.40 14.58
CA PRO B 56 6.52 -37.43 13.65
C PRO B 56 7.53 -36.36 13.21
N PHE B 57 7.39 -35.88 11.97
CA PHE B 57 7.93 -34.58 11.50
C PHE B 57 6.96 -33.49 11.94
N TYR B 58 7.47 -32.35 12.42
CA TYR B 58 6.66 -31.30 13.10
C TYR B 58 6.29 -30.17 12.13
N HIS B 59 7.18 -29.83 11.18
CA HIS B 59 7.04 -28.62 10.32
C HIS B 59 6.72 -29.00 8.87
N LEU B 60 6.07 -28.08 8.16
CA LEU B 60 5.66 -28.23 6.73
C LEU B 60 6.88 -28.58 5.85
N PHE B 61 8.08 -28.10 6.21
CA PHE B 61 9.31 -28.22 5.39
C PHE B 61 10.20 -29.38 5.90
N ASP B 62 9.63 -30.36 6.61
CA ASP B 62 10.35 -31.49 7.25
C ASP B 62 10.10 -32.81 6.52
N GLY B 63 8.88 -33.02 6.00
CA GLY B 63 8.48 -34.26 5.30
C GLY B 63 9.44 -34.64 4.20
N GLN B 64 9.63 -35.94 3.95
CA GLN B 64 10.69 -36.46 3.05
C GLN B 64 10.31 -36.22 1.58
N ALA B 65 11.27 -35.72 0.81
CA ALA B 65 11.13 -35.26 -0.60
C ALA B 65 10.43 -36.33 -1.44
N LEU B 66 9.37 -35.93 -2.13
CA LEU B 66 8.60 -36.76 -3.10
C LEU B 66 8.62 -36.02 -4.45
N LEU B 67 9.19 -36.66 -5.47
CA LEU B 67 9.29 -36.12 -6.86
C LEU B 67 8.07 -36.59 -7.64
N HIS B 68 7.28 -35.66 -8.17
CA HIS B 68 6.02 -35.90 -8.93
C HIS B 68 6.26 -35.62 -10.42
N LYS B 69 5.55 -36.33 -11.30
CA LYS B 69 5.62 -36.11 -12.76
C LYS B 69 4.25 -36.37 -13.40
N PHE B 70 3.70 -35.35 -14.07
CA PHE B 70 2.58 -35.48 -15.04
C PHE B 70 3.16 -35.37 -16.45
N ASP B 71 3.08 -36.44 -17.23
CA ASP B 71 3.52 -36.49 -18.64
C ASP B 71 2.33 -36.17 -19.54
N PHE B 72 2.54 -35.32 -20.54
CA PHE B 72 1.54 -34.89 -21.54
C PHE B 72 2.03 -35.31 -22.93
N LYS B 73 1.15 -35.96 -23.71
CA LYS B 73 1.43 -36.39 -25.12
C LYS B 73 0.09 -36.70 -25.80
N GLU B 74 -0.15 -36.06 -26.95
CA GLU B 74 -1.30 -36.33 -27.87
C GLU B 74 -2.62 -36.37 -27.07
N GLY B 75 -2.75 -35.48 -26.08
CA GLY B 75 -4.01 -35.27 -25.31
C GLY B 75 -4.19 -36.29 -24.19
N HIS B 76 -3.16 -37.08 -23.89
CA HIS B 76 -3.19 -38.14 -22.83
C HIS B 76 -2.23 -37.74 -21.70
N VAL B 77 -2.57 -38.11 -20.47
CA VAL B 77 -1.81 -37.73 -19.24
C VAL B 77 -1.54 -38.98 -18.40
N THR B 78 -0.29 -39.12 -17.93
CA THR B 78 0.11 -40.11 -16.91
C THR B 78 0.63 -39.37 -15.68
N TYR B 79 0.47 -39.97 -14.50
CA TYR B 79 1.00 -39.48 -13.21
C TYR B 79 1.96 -40.54 -12.63
N HIS B 80 3.15 -40.12 -12.22
CA HIS B 80 4.17 -40.96 -11.55
C HIS B 80 4.77 -40.17 -10.38
N ARG B 81 5.18 -40.86 -9.33
CA ARG B 81 5.90 -40.24 -8.18
C ARG B 81 6.81 -41.29 -7.53
N ARG B 82 8.02 -40.85 -7.14
CA ARG B 82 9.02 -41.64 -6.40
C ARG B 82 9.62 -40.76 -5.31
N PHE B 83 9.84 -41.31 -4.12
CA PHE B 83 10.61 -40.65 -3.04
C PHE B 83 12.05 -40.47 -3.54
N ILE B 84 12.64 -39.31 -3.27
CA ILE B 84 14.07 -39.02 -3.61
C ILE B 84 14.92 -39.79 -2.60
N ARG B 85 15.84 -40.63 -3.10
CA ARG B 85 16.75 -41.46 -2.26
C ARG B 85 17.88 -40.56 -1.75
N THR B 86 17.55 -39.66 -0.82
CA THR B 86 18.49 -38.76 -0.11
C THR B 86 19.12 -39.55 1.05
N ASP B 87 20.21 -39.06 1.62
CA ASP B 87 20.79 -39.56 2.89
C ASP B 87 19.67 -39.60 3.94
N ALA B 88 18.92 -38.50 4.07
CA ALA B 88 17.80 -38.33 5.04
C ALA B 88 16.80 -39.49 4.91
N TYR B 89 16.37 -39.79 3.68
CA TYR B 89 15.32 -40.80 3.38
C TYR B 89 15.89 -42.22 3.54
N VAL B 90 17.02 -42.48 2.91
CA VAL B 90 17.70 -43.81 2.88
C VAL B 90 17.98 -44.26 4.32
N ARG B 91 18.59 -43.39 5.12
CA ARG B 91 19.00 -43.70 6.52
C ARG B 91 17.76 -43.87 7.41
N ALA B 92 16.66 -43.18 7.10
CA ALA B 92 15.37 -43.27 7.82
C ALA B 92 14.73 -44.64 7.55
N MET B 93 14.77 -45.11 6.30
CA MET B 93 14.23 -46.43 5.89
C MET B 93 15.12 -47.54 6.49
N THR B 94 16.44 -47.33 6.53
CA THR B 94 17.44 -48.26 7.11
C THR B 94 17.20 -48.43 8.62
N GLU B 95 17.22 -47.32 9.37
CA GLU B 95 17.24 -47.32 10.86
C GLU B 95 15.81 -47.31 11.42
N LYS B 96 14.79 -47.17 10.56
CA LYS B 96 13.34 -47.16 10.94
C LYS B 96 13.09 -46.07 12.01
N ARG B 97 13.69 -44.89 11.82
CA ARG B 97 13.55 -43.71 12.72
C ARG B 97 14.02 -42.46 11.97
N ILE B 98 13.84 -41.28 12.57
CA ILE B 98 14.39 -39.99 12.05
C ILE B 98 15.87 -39.93 12.41
N VAL B 99 16.75 -39.87 11.41
CA VAL B 99 18.24 -39.92 11.57
C VAL B 99 18.81 -38.50 11.45
N ILE B 100 18.41 -37.77 10.39
CA ILE B 100 18.92 -36.40 10.08
C ILE B 100 17.92 -35.37 10.61
N THR B 101 18.42 -34.32 11.27
CA THR B 101 17.62 -33.18 11.75
C THR B 101 17.06 -32.43 10.53
N GLU B 102 15.74 -32.22 10.50
CA GLU B 102 15.04 -31.44 9.44
C GLU B 102 14.82 -30.02 9.96
N PHE B 103 14.29 -29.15 9.10
CA PHE B 103 14.07 -27.70 9.38
C PHE B 103 13.50 -27.52 10.80
N GLY B 104 12.40 -28.21 11.12
CA GLY B 104 11.65 -28.02 12.39
C GLY B 104 11.48 -29.30 13.18
N THR B 105 12.34 -30.31 12.97
CA THR B 105 12.29 -31.61 13.68
C THR B 105 13.72 -32.06 14.00
N CYS B 106 14.06 -32.10 15.30
N CYS B 106 14.08 -32.10 15.29
CA CYS B 106 15.36 -32.60 15.82
CA CYS B 106 15.42 -32.57 15.77
C CYS B 106 15.40 -34.12 15.75
C CYS B 106 15.43 -34.10 15.79
N ALA B 107 16.53 -34.70 15.33
CA ALA B 107 16.79 -36.16 15.36
C ALA B 107 17.53 -36.49 16.66
N PHE B 108 17.12 -37.56 17.34
CA PHE B 108 17.76 -38.06 18.59
C PHE B 108 18.84 -39.07 18.21
N PRO B 109 19.92 -39.23 19.02
CA PRO B 109 20.84 -40.35 18.86
C PRO B 109 20.17 -41.68 19.21
N GLY B 125 30.82 -34.95 11.52
CA GLY B 125 30.44 -33.76 12.30
C GLY B 125 28.94 -33.50 12.25
N VAL B 126 28.55 -32.24 12.04
CA VAL B 126 27.13 -31.79 11.85
C VAL B 126 26.62 -32.41 10.54
N GLU B 127 25.52 -33.17 10.61
CA GLU B 127 24.89 -33.81 9.42
C GLU B 127 23.74 -32.93 8.91
N VAL B 128 24.04 -32.08 7.92
CA VAL B 128 23.08 -31.11 7.29
C VAL B 128 22.13 -31.90 6.39
N THR B 129 20.84 -31.56 6.41
CA THR B 129 19.76 -32.26 5.66
C THR B 129 19.99 -32.07 4.15
N ASP B 130 19.68 -33.12 3.38
CA ASP B 130 19.71 -33.11 1.90
C ASP B 130 18.29 -33.40 1.39
N ASN B 131 17.29 -33.17 2.24
CA ASN B 131 15.86 -33.47 1.95
C ASN B 131 15.37 -32.48 0.90
N ALA B 132 15.45 -32.84 -0.38
CA ALA B 132 15.21 -31.95 -1.54
C ALA B 132 13.71 -31.88 -1.85
N LEU B 133 12.91 -31.33 -0.93
CA LEU B 133 11.43 -31.34 -1.02
C LEU B 133 10.91 -30.04 -1.65
N VAL B 134 11.78 -29.09 -1.99
CA VAL B 134 11.39 -27.68 -2.29
C VAL B 134 11.22 -27.49 -3.81
N ASN B 135 12.26 -27.73 -4.61
CA ASN B 135 12.27 -27.36 -6.06
C ASN B 135 13.15 -28.33 -6.85
N ILE B 136 13.08 -28.22 -8.18
CA ILE B 136 13.93 -28.96 -9.16
C ILE B 136 14.29 -27.97 -10.28
N TYR B 137 15.56 -27.95 -10.72
CA TYR B 137 16.03 -27.04 -11.79
C TYR B 137 17.11 -27.69 -12.65
N PRO B 138 17.23 -27.28 -13.93
CA PRO B 138 18.27 -27.80 -14.82
C PRO B 138 19.64 -27.13 -14.63
N VAL B 139 20.70 -27.93 -14.74
CA VAL B 139 22.11 -27.48 -14.91
C VAL B 139 22.70 -28.34 -16.03
N GLY B 140 23.16 -27.71 -17.12
CA GLY B 140 23.55 -28.42 -18.36
C GLY B 140 22.44 -29.36 -18.81
N GLU B 141 22.76 -30.65 -18.97
CA GLU B 141 21.81 -31.71 -19.42
C GLU B 141 21.14 -32.38 -18.21
N ASP B 142 21.50 -31.97 -16.99
CA ASP B 142 21.09 -32.63 -15.71
C ASP B 142 19.95 -31.84 -15.06
N TYR B 143 19.18 -32.50 -14.20
CA TYR B 143 18.13 -31.89 -13.33
C TYR B 143 18.45 -32.21 -11.87
N TYR B 144 18.34 -31.19 -11.01
CA TYR B 144 18.67 -31.26 -9.56
C TYR B 144 17.43 -30.86 -8.74
N ALA B 145 16.94 -31.79 -7.92
CA ALA B 145 16.04 -31.49 -6.78
C ALA B 145 16.88 -30.82 -5.70
N CYS B 146 16.32 -29.83 -4.99
CA CYS B 146 17.06 -29.04 -3.97
C CYS B 146 16.17 -28.74 -2.77
N THR B 147 16.82 -28.46 -1.64
CA THR B 147 16.27 -27.70 -0.49
C THR B 147 17.05 -26.38 -0.46
N GLU B 148 17.46 -25.91 0.72
CA GLU B 148 18.16 -24.60 0.88
C GLU B 148 19.52 -24.79 1.55
N THR B 149 20.08 -26.00 1.46
CA THR B 149 21.38 -26.38 2.06
C THR B 149 22.45 -26.47 0.97
N ASN B 150 23.64 -26.99 1.30
CA ASN B 150 24.78 -27.18 0.38
C ASN B 150 24.56 -28.43 -0.48
N PHE B 151 23.60 -29.29 -0.11
CA PHE B 151 23.33 -30.60 -0.77
C PHE B 151 22.17 -30.46 -1.77
N ILE B 152 22.46 -30.67 -3.06
CA ILE B 152 21.42 -30.85 -4.12
C ILE B 152 21.53 -32.27 -4.66
N THR B 153 20.41 -32.83 -5.12
CA THR B 153 20.27 -34.25 -5.54
C THR B 153 19.98 -34.32 -7.04
N LYS B 154 20.94 -34.78 -7.83
CA LYS B 154 20.76 -35.08 -9.28
C LYS B 154 19.69 -36.18 -9.40
N VAL B 155 18.66 -35.95 -10.22
CA VAL B 155 17.52 -36.88 -10.42
C VAL B 155 17.31 -37.11 -11.91
N ASN B 156 16.78 -38.27 -12.28
CA ASN B 156 16.43 -38.66 -13.68
C ASN B 156 15.02 -38.16 -13.97
N PRO B 157 14.85 -37.16 -14.86
CA PRO B 157 13.55 -36.53 -15.07
C PRO B 157 12.51 -37.41 -15.80
N GLU B 158 12.90 -38.60 -16.26
CA GLU B 158 12.03 -39.54 -17.03
C GLU B 158 11.59 -40.69 -16.12
N THR B 159 12.51 -41.29 -15.35
CA THR B 159 12.24 -42.45 -14.45
C THR B 159 12.00 -41.97 -13.02
N LEU B 160 12.45 -40.76 -12.67
CA LEU B 160 12.39 -40.16 -11.30
C LEU B 160 13.34 -40.89 -10.36
N GLU B 161 14.31 -41.63 -10.90
CA GLU B 161 15.38 -42.32 -10.12
C GLU B 161 16.34 -41.26 -9.59
N THR B 162 16.80 -41.44 -8.35
CA THR B 162 17.86 -40.60 -7.71
C THR B 162 19.21 -41.05 -8.26
N ILE B 163 20.05 -40.11 -8.71
CA ILE B 163 21.33 -40.41 -9.39
C ILE B 163 22.49 -40.18 -8.40
N LYS B 164 22.61 -38.98 -7.84
CA LYS B 164 23.80 -38.57 -7.03
C LYS B 164 23.43 -37.43 -6.08
N GLN B 165 24.15 -37.35 -4.96
CA GLN B 165 24.19 -36.18 -4.04
C GLN B 165 25.39 -35.31 -4.43
N VAL B 166 25.19 -34.00 -4.54
CA VAL B 166 26.23 -32.99 -4.88
C VAL B 166 26.35 -32.01 -3.71
N ASP B 167 27.56 -31.86 -3.18
CA ASP B 167 27.91 -30.87 -2.12
C ASP B 167 28.51 -29.64 -2.81
N LEU B 168 27.79 -28.52 -2.81
CA LEU B 168 28.20 -27.25 -3.48
C LEU B 168 29.48 -26.71 -2.83
N CYS B 169 29.71 -27.01 -1.54
CA CYS B 169 30.91 -26.58 -0.77
C CYS B 169 32.19 -27.16 -1.37
N ASN B 170 32.10 -28.29 -2.09
CA ASN B 170 33.22 -28.93 -2.83
C ASN B 170 33.69 -28.03 -3.98
N TYR B 171 32.82 -27.13 -4.47
CA TYR B 171 33.00 -26.37 -5.73
C TYR B 171 33.15 -24.87 -5.47
N VAL B 172 32.32 -24.28 -4.60
CA VAL B 172 32.28 -22.81 -4.34
C VAL B 172 32.13 -22.55 -2.85
N SER B 173 32.51 -21.35 -2.40
CA SER B 173 32.48 -20.91 -0.98
C SER B 173 31.08 -20.36 -0.63
N VAL B 174 30.14 -21.26 -0.32
CA VAL B 174 28.80 -20.95 0.26
C VAL B 174 28.46 -21.99 1.32
N ASN B 175 27.74 -21.59 2.36
CA ASN B 175 27.23 -22.48 3.44
C ASN B 175 25.95 -23.18 2.96
N GLY B 176 25.30 -22.61 1.96
CA GLY B 176 24.10 -23.16 1.30
C GLY B 176 23.73 -22.33 0.08
N ALA B 177 22.63 -22.66 -0.59
CA ALA B 177 22.08 -21.89 -1.72
C ALA B 177 20.55 -22.03 -1.73
N THR B 178 19.83 -21.03 -2.23
CA THR B 178 18.35 -21.00 -2.24
C THR B 178 17.83 -22.10 -3.16
N ALA B 179 16.53 -22.40 -3.06
CA ALA B 179 15.82 -23.33 -3.96
C ALA B 179 15.27 -22.57 -5.18
N HIS B 180 15.67 -21.30 -5.35
CA HIS B 180 15.16 -20.40 -6.42
C HIS B 180 16.31 -19.80 -7.23
N PRO B 181 17.15 -20.64 -7.89
CA PRO B 181 18.15 -20.12 -8.81
C PRO B 181 17.47 -19.49 -10.03
N HIS B 182 18.04 -18.40 -10.55
CA HIS B 182 17.64 -17.81 -11.86
C HIS B 182 18.40 -18.55 -12.96
N ILE B 183 17.73 -18.79 -14.09
CA ILE B 183 18.27 -19.57 -15.24
C ILE B 183 18.07 -18.76 -16.51
N GLU B 184 19.15 -18.23 -17.09
CA GLU B 184 19.14 -17.46 -18.35
C GLU B 184 18.86 -18.43 -19.51
N ASN B 185 18.50 -17.88 -20.68
CA ASN B 185 18.04 -18.66 -21.87
C ASN B 185 19.16 -19.61 -22.35
N ASP B 186 20.44 -19.23 -22.16
CA ASP B 186 21.62 -20.01 -22.62
C ASP B 186 21.93 -21.14 -21.63
N GLY B 187 21.28 -21.17 -20.46
CA GLY B 187 21.39 -22.27 -19.48
C GLY B 187 22.25 -21.91 -18.28
N THR B 188 22.87 -20.72 -18.29
CA THR B 188 23.62 -20.13 -17.15
C THR B 188 22.69 -20.09 -15.92
N VAL B 189 23.18 -20.56 -14.77
CA VAL B 189 22.43 -20.63 -13.49
C VAL B 189 23.08 -19.67 -12.49
N TYR B 190 22.29 -18.76 -11.91
CA TYR B 190 22.69 -17.85 -10.82
C TYR B 190 21.96 -18.28 -9.55
N ASN B 191 22.63 -18.17 -8.40
CA ASN B 191 22.05 -18.45 -7.06
C ASN B 191 22.78 -17.61 -6.03
N ILE B 192 22.24 -17.55 -4.81
CA ILE B 192 22.81 -16.75 -3.68
C ILE B 192 22.84 -17.65 -2.43
N GLY B 193 23.87 -17.46 -1.60
CA GLY B 193 24.03 -18.12 -0.29
C GLY B 193 24.92 -17.31 0.61
N ASN B 194 24.71 -17.40 1.93
CA ASN B 194 25.56 -16.71 2.95
C ASN B 194 26.91 -17.43 3.03
N CYS B 195 27.96 -16.71 3.42
CA CYS B 195 29.31 -17.25 3.70
C CYS B 195 30.08 -16.33 4.66
N ILE B 202 30.43 -12.47 8.08
CA ILE B 202 29.41 -13.09 7.18
C ILE B 202 29.16 -12.16 5.99
N ALA B 203 28.95 -12.74 4.81
CA ALA B 203 28.55 -12.05 3.56
C ALA B 203 27.59 -12.97 2.77
N TYR B 204 27.07 -12.49 1.64
CA TYR B 204 26.24 -13.27 0.70
C TYR B 204 26.96 -13.35 -0.65
N ASN B 205 27.18 -14.57 -1.15
CA ASN B 205 27.90 -14.83 -2.42
C ASN B 205 26.89 -15.20 -3.51
N ILE B 206 27.04 -14.60 -4.69
CA ILE B 206 26.31 -14.98 -5.92
C ILE B 206 27.13 -16.07 -6.64
N VAL B 207 26.57 -17.27 -6.76
CA VAL B 207 27.16 -18.42 -7.49
C VAL B 207 26.70 -18.33 -8.95
N LYS B 208 27.63 -18.46 -9.89
CA LYS B 208 27.36 -18.56 -11.35
C LYS B 208 27.80 -19.96 -11.82
N ILE B 209 26.86 -20.76 -12.31
CA ILE B 209 27.13 -22.06 -12.98
C ILE B 209 26.97 -21.85 -14.48
N PRO B 210 28.04 -22.04 -15.29
CA PRO B 210 27.97 -21.76 -16.72
C PRO B 210 27.15 -22.80 -17.48
N PRO B 211 26.77 -22.53 -18.76
CA PRO B 211 26.13 -23.55 -19.59
C PRO B 211 27.09 -24.71 -19.91
N LEU B 212 26.55 -25.84 -20.39
CA LEU B 212 27.35 -27.00 -20.85
C LEU B 212 28.17 -26.58 -22.08
N GLN B 213 29.49 -26.77 -22.04
CA GLN B 213 30.43 -26.42 -23.13
C GLN B 213 30.61 -27.62 -24.07
N ALA B 214 31.42 -27.46 -25.12
CA ALA B 214 31.74 -28.51 -26.12
C ALA B 214 32.55 -29.64 -25.46
N ASP B 215 33.39 -29.31 -24.47
CA ASP B 215 34.18 -30.29 -23.67
C ASP B 215 33.22 -31.22 -22.92
N LYS B 216 32.01 -30.74 -22.59
CA LYS B 216 30.87 -31.55 -22.06
C LYS B 216 31.15 -32.02 -20.62
N GLU B 217 32.05 -31.35 -19.89
CA GLU B 217 32.33 -31.61 -18.46
C GLU B 217 31.18 -31.04 -17.62
N ASP B 218 30.97 -31.57 -16.42
CA ASP B 218 29.91 -31.13 -15.47
C ASP B 218 30.06 -29.63 -15.24
N PRO B 219 29.07 -28.79 -15.63
CA PRO B 219 29.15 -27.35 -15.41
C PRO B 219 29.33 -26.92 -13.95
N ILE B 220 28.94 -27.77 -12.98
CA ILE B 220 29.10 -27.48 -11.52
C ILE B 220 30.59 -27.41 -11.17
N SER B 221 31.45 -28.18 -11.85
CA SER B 221 32.93 -28.18 -11.66
C SER B 221 33.53 -26.86 -12.18
N LYS B 222 32.74 -26.03 -12.88
CA LYS B 222 33.16 -24.69 -13.39
C LYS B 222 32.44 -23.57 -12.63
N SER B 223 31.81 -23.88 -11.49
CA SER B 223 31.10 -22.90 -10.62
C SER B 223 32.09 -21.86 -10.09
N GLU B 224 31.63 -20.62 -9.92
CA GLU B 224 32.45 -19.50 -9.37
C GLU B 224 31.55 -18.47 -8.67
N ILE B 225 32.12 -17.76 -7.70
CA ILE B 225 31.52 -16.56 -7.06
C ILE B 225 31.81 -15.36 -7.95
N VAL B 226 30.77 -14.66 -8.44
CA VAL B 226 30.91 -13.49 -9.35
C VAL B 226 30.90 -12.19 -8.55
N VAL B 227 30.06 -12.09 -7.51
CA VAL B 227 29.95 -10.87 -6.67
C VAL B 227 29.52 -11.26 -5.25
N GLN B 228 29.84 -10.40 -4.28
CA GLN B 228 29.53 -10.58 -2.84
C GLN B 228 28.73 -9.38 -2.35
N PHE B 229 27.64 -9.63 -1.63
CA PHE B 229 26.82 -8.60 -0.93
C PHE B 229 27.25 -8.55 0.52
N PRO B 230 27.35 -7.35 1.14
CA PRO B 230 27.68 -7.24 2.56
C PRO B 230 26.47 -7.62 3.44
N CYS B 231 26.71 -7.88 4.72
CA CYS B 231 25.67 -8.26 5.72
C CYS B 231 25.45 -7.08 6.68
N SER B 232 24.21 -6.92 7.16
CA SER B 232 23.79 -5.86 8.11
C SER B 232 24.38 -6.15 9.49
N ASP B 233 24.56 -7.43 9.82
CA ASP B 233 25.12 -7.92 11.10
C ASP B 233 26.37 -8.74 10.79
N ARG B 234 27.45 -8.51 11.54
CA ARG B 234 28.78 -9.16 11.34
C ARG B 234 28.64 -10.68 11.42
N PHE B 235 27.81 -11.18 12.34
CA PHE B 235 27.74 -12.63 12.71
C PHE B 235 26.37 -13.24 12.41
N LYS B 236 25.39 -12.44 11.93
CA LYS B 236 23.99 -12.93 11.71
C LYS B 236 23.56 -12.62 10.28
N PRO B 237 23.60 -13.61 9.36
CA PRO B 237 23.06 -13.41 8.02
C PRO B 237 21.51 -13.43 8.06
N SER B 238 20.88 -12.65 7.18
CA SER B 238 19.42 -12.70 6.95
C SER B 238 19.08 -14.01 6.23
N TYR B 239 17.94 -14.62 6.57
CA TYR B 239 17.33 -15.70 5.77
C TYR B 239 17.05 -15.14 4.38
N VAL B 240 17.54 -15.81 3.34
CA VAL B 240 17.32 -15.43 1.91
C VAL B 240 16.70 -16.63 1.20
N HIS B 241 15.52 -16.45 0.63
CA HIS B 241 14.71 -17.52 -0.03
C HIS B 241 14.83 -17.42 -1.56
N SER B 242 14.91 -16.20 -2.09
CA SER B 242 15.01 -15.91 -3.54
C SER B 242 15.71 -14.56 -3.74
N PHE B 243 15.95 -14.17 -5.00
CA PHE B 243 16.59 -12.89 -5.36
C PHE B 243 16.12 -12.47 -6.76
N GLY B 244 16.43 -11.24 -7.15
CA GLY B 244 16.06 -10.66 -8.45
C GLY B 244 17.23 -10.65 -9.42
N LEU B 245 16.95 -10.86 -10.71
CA LEU B 245 17.96 -10.82 -11.80
C LEU B 245 17.37 -10.11 -13.02
N THR B 246 18.14 -9.18 -13.59
CA THR B 246 17.88 -8.51 -14.90
C THR B 246 19.10 -8.76 -15.78
N PRO B 247 19.06 -8.39 -17.07
CA PRO B 247 20.26 -8.48 -17.92
C PRO B 247 21.50 -7.86 -17.27
N ASN B 248 21.35 -6.73 -16.58
CA ASN B 248 22.48 -5.87 -16.12
C ASN B 248 22.63 -5.91 -14.59
N TYR B 249 21.62 -6.34 -13.84
CA TYR B 249 21.60 -6.16 -12.36
C TYR B 249 21.15 -7.43 -11.63
N ILE B 250 21.69 -7.59 -10.42
CA ILE B 250 21.28 -8.57 -9.38
C ILE B 250 20.68 -7.77 -8.21
N VAL B 251 19.47 -8.11 -7.77
CA VAL B 251 18.78 -7.46 -6.62
C VAL B 251 18.65 -8.49 -5.49
N PHE B 252 19.11 -8.12 -4.30
CA PHE B 252 19.06 -8.95 -3.07
C PHE B 252 18.38 -8.14 -1.96
N VAL B 253 17.35 -8.71 -1.33
CA VAL B 253 16.55 -8.06 -0.24
C VAL B 253 16.96 -8.67 1.10
N GLU B 254 17.59 -7.88 1.96
CA GLU B 254 18.04 -8.30 3.32
C GLU B 254 16.93 -7.96 4.32
N THR B 255 16.23 -8.99 4.80
CA THR B 255 15.02 -8.88 5.67
C THR B 255 15.46 -8.95 7.14
N PRO B 256 14.59 -8.50 8.08
CA PRO B 256 14.91 -8.59 9.51
C PRO B 256 14.82 -10.00 10.12
N VAL B 257 14.51 -11.02 9.32
CA VAL B 257 14.59 -12.46 9.75
C VAL B 257 16.05 -12.89 9.71
N LYS B 258 16.67 -13.04 10.89
CA LYS B 258 18.13 -13.29 11.05
C LYS B 258 18.37 -14.73 11.52
N ILE B 259 19.47 -15.34 11.04
CA ILE B 259 19.98 -16.65 11.51
C ILE B 259 21.03 -16.38 12.59
N ASN B 260 20.84 -16.93 13.79
CA ASN B 260 21.74 -16.78 14.96
C ASN B 260 22.49 -18.09 15.18
N LEU B 261 23.73 -18.17 14.67
CA LEU B 261 24.59 -19.38 14.68
C LEU B 261 24.93 -19.76 16.13
N PHE B 262 25.22 -18.75 16.97
CA PHE B 262 25.58 -18.91 18.41
C PHE B 262 24.61 -19.89 19.10
N LYS B 263 23.30 -19.75 18.85
CA LYS B 263 22.25 -20.68 19.33
C LYS B 263 22.40 -22.03 18.62
N GLY B 272 19.84 -30.53 21.45
CA GLY B 272 18.62 -30.94 20.71
C GLY B 272 17.97 -29.78 19.99
N ALA B 273 18.73 -29.06 19.16
CA ALA B 273 18.29 -27.87 18.40
C ALA B 273 18.05 -28.25 16.94
N ASN B 274 17.06 -27.61 16.31
CA ASN B 274 16.79 -27.70 14.85
C ASN B 274 17.08 -26.33 14.21
N TYR B 275 16.80 -26.17 12.92
CA TYR B 275 17.09 -24.94 12.14
C TYR B 275 16.18 -23.80 12.61
N MET B 276 14.88 -24.08 12.78
N MET B 276 14.89 -24.08 12.80
CA MET B 276 13.85 -23.12 13.26
CA MET B 276 13.88 -23.08 13.23
C MET B 276 14.33 -22.41 14.52
C MET B 276 14.30 -22.41 14.53
N ASP B 277 14.99 -23.14 15.43
CA ASP B 277 15.45 -22.64 16.75
C ASP B 277 16.50 -21.54 16.61
N CYS B 278 17.15 -21.43 15.45
CA CYS B 278 18.28 -20.49 15.20
C CYS B 278 17.77 -19.14 14.67
N PHE B 279 16.53 -19.08 14.20
CA PHE B 279 15.93 -17.84 13.60
C PHE B 279 15.50 -16.90 14.73
N GLU B 280 15.78 -15.61 14.54
CA GLU B 280 15.30 -14.49 15.40
C GLU B 280 14.94 -13.30 14.51
N SER B 281 14.15 -12.37 15.03
CA SER B 281 13.69 -11.15 14.32
C SER B 281 14.45 -9.93 14.85
N ASN B 282 15.19 -9.25 13.97
CA ASN B 282 15.82 -7.94 14.27
C ASN B 282 14.74 -6.86 14.17
N GLU B 283 14.45 -6.19 15.29
CA GLU B 283 13.27 -5.28 15.42
C GLU B 283 13.56 -3.91 14.79
N THR B 284 14.83 -3.49 14.68
CA THR B 284 15.22 -2.08 14.41
C THR B 284 15.68 -1.87 12.96
N MET B 285 16.21 -2.90 12.29
CA MET B 285 16.91 -2.72 10.98
C MET B 285 15.92 -2.46 9.83
N GLY B 286 14.67 -2.94 9.94
CA GLY B 286 13.72 -2.95 8.81
C GLY B 286 14.24 -3.80 7.66
N VAL B 287 14.04 -3.36 6.42
CA VAL B 287 14.53 -4.08 5.20
C VAL B 287 15.58 -3.22 4.49
N TRP B 288 16.74 -3.82 4.21
CA TRP B 288 17.84 -3.27 3.38
C TRP B 288 17.77 -3.93 2.00
N LEU B 289 17.70 -3.15 0.92
CA LEU B 289 17.73 -3.68 -0.46
C LEU B 289 19.10 -3.39 -1.06
N HIS B 290 19.63 -4.34 -1.83
CA HIS B 290 21.01 -4.34 -2.40
C HIS B 290 20.95 -4.61 -3.89
N ILE B 291 21.71 -3.84 -4.68
CA ILE B 291 21.90 -4.07 -6.15
C ILE B 291 23.39 -4.30 -6.41
N ALA B 292 23.69 -5.21 -7.33
CA ALA B 292 25.06 -5.44 -7.87
C ALA B 292 24.99 -5.32 -9.39
N ASP B 293 26.03 -4.73 -9.99
CA ASP B 293 26.26 -4.73 -11.45
C ASP B 293 26.64 -6.15 -11.86
N LYS B 294 25.81 -6.80 -12.69
CA LYS B 294 25.96 -8.23 -13.07
C LYS B 294 27.22 -8.42 -13.93
N LYS B 295 27.39 -7.59 -14.96
CA LYS B 295 28.43 -7.76 -16.01
C LYS B 295 29.80 -7.28 -15.49
N ARG B 296 29.82 -6.21 -14.70
CA ARG B 296 31.07 -5.64 -14.11
C ARG B 296 31.36 -6.34 -12.78
N LYS B 297 30.43 -7.16 -12.28
CA LYS B 297 30.61 -8.00 -11.06
C LYS B 297 31.00 -7.11 -9.87
N LYS B 298 30.25 -6.02 -9.65
CA LYS B 298 30.54 -5.01 -8.60
C LYS B 298 29.28 -4.78 -7.75
N TYR B 299 29.44 -4.80 -6.42
CA TYR B 299 28.42 -4.29 -5.47
C TYR B 299 28.31 -2.77 -5.65
N ILE B 300 27.08 -2.26 -5.69
CA ILE B 300 26.78 -0.80 -5.76
C ILE B 300 26.38 -0.34 -4.35
N ASN B 301 27.13 0.61 -3.78
CA ASN B 301 26.97 1.08 -2.37
C ASN B 301 25.82 2.09 -2.31
N ASN B 302 24.62 1.68 -2.71
CA ASN B 302 23.36 2.47 -2.57
C ASN B 302 22.59 1.89 -1.39
N LYS B 303 22.41 2.68 -0.32
CA LYS B 303 21.78 2.25 0.95
C LYS B 303 20.25 2.40 0.84
N TYR B 304 19.61 1.50 0.10
CA TYR B 304 18.13 1.42 -0.03
C TYR B 304 17.57 0.86 1.29
N ARG B 305 16.56 1.52 1.83
CA ARG B 305 15.95 1.18 3.16
C ARG B 305 14.42 1.27 3.05
N THR B 306 13.71 0.42 3.77
CA THR B 306 12.24 0.52 3.95
C THR B 306 11.82 -0.23 5.22
N SER B 307 10.50 -0.26 5.47
CA SER B 307 9.84 -0.85 6.66
C SER B 307 10.06 -2.36 6.70
N PRO B 308 9.93 -3.02 7.88
CA PRO B 308 10.12 -4.47 7.98
C PRO B 308 9.04 -5.28 7.25
N PHE B 309 9.47 -6.35 6.58
CA PHE B 309 8.60 -7.41 6.01
C PHE B 309 9.41 -8.69 5.86
N ASN B 310 8.74 -9.85 5.90
CA ASN B 310 9.27 -11.15 5.41
C ASN B 310 9.14 -11.14 3.89
N LEU B 311 10.13 -11.72 3.20
CA LEU B 311 10.09 -11.96 1.73
C LEU B 311 10.55 -13.39 1.47
N PHE B 312 9.75 -14.14 0.72
CA PHE B 312 10.12 -15.49 0.23
C PHE B 312 10.34 -15.41 -1.28
N HIS B 313 9.36 -14.90 -2.02
CA HIS B 313 9.33 -14.96 -3.50
C HIS B 313 9.33 -13.56 -4.12
N HIS B 314 10.42 -13.23 -4.81
CA HIS B 314 10.44 -12.25 -5.91
C HIS B 314 9.46 -12.72 -6.99
N ILE B 315 8.66 -11.82 -7.55
CA ILE B 315 7.77 -12.10 -8.72
C ILE B 315 8.60 -11.94 -10.00
N ASN B 316 9.12 -10.74 -10.23
CA ASN B 316 9.97 -10.40 -11.40
C ASN B 316 10.69 -9.09 -11.09
N THR B 317 11.80 -8.86 -11.79
CA THR B 317 12.63 -7.63 -11.71
C THR B 317 12.89 -7.17 -13.15
N TYR B 318 12.92 -5.87 -13.41
CA TYR B 318 13.31 -5.36 -14.75
C TYR B 318 13.79 -3.90 -14.65
N GLU B 319 14.48 -3.49 -15.70
CA GLU B 319 15.08 -2.13 -15.86
C GLU B 319 14.09 -1.27 -16.66
N ASP B 320 13.82 -0.07 -16.16
CA ASP B 320 12.96 0.94 -16.81
C ASP B 320 13.66 2.30 -16.69
N HIS B 321 14.29 2.76 -17.78
CA HIS B 321 15.21 3.93 -17.79
C HIS B 321 16.26 3.70 -16.70
N GLU B 322 16.50 4.66 -15.80
CA GLU B 322 17.56 4.52 -14.77
C GLU B 322 16.92 4.11 -13.44
N PHE B 323 16.07 3.07 -13.47
CA PHE B 323 15.31 2.54 -12.31
C PHE B 323 15.16 1.02 -12.45
N LEU B 324 15.28 0.31 -11.32
CA LEU B 324 14.94 -1.14 -11.21
C LEU B 324 13.54 -1.27 -10.61
N ILE B 325 12.65 -1.96 -11.32
CA ILE B 325 11.28 -2.32 -10.87
C ILE B 325 11.38 -3.68 -10.16
N VAL B 326 11.02 -3.73 -8.88
CA VAL B 326 11.21 -4.92 -8.00
C VAL B 326 9.84 -5.33 -7.46
N ASP B 327 9.21 -6.32 -8.09
CA ASP B 327 7.88 -6.86 -7.70
C ASP B 327 8.10 -8.02 -6.72
N LEU B 328 7.50 -7.92 -5.52
CA LEU B 328 7.74 -8.83 -4.36
C LEU B 328 6.40 -9.32 -3.80
N CYS B 329 6.37 -10.58 -3.34
CA CYS B 329 5.33 -11.12 -2.43
C CYS B 329 5.80 -10.91 -0.99
N CYS B 330 5.29 -9.88 -0.32
CA CYS B 330 5.74 -9.44 1.03
C CYS B 330 4.77 -9.95 2.11
N TRP B 331 5.29 -10.09 3.33
CA TRP B 331 4.50 -10.32 4.57
C TRP B 331 4.84 -9.19 5.55
N LYS B 332 3.85 -8.35 5.88
CA LYS B 332 4.04 -7.10 6.66
C LYS B 332 4.27 -7.44 8.14
N GLY B 333 5.51 -7.22 8.62
CA GLY B 333 5.95 -7.51 10.00
C GLY B 333 7.33 -8.13 9.99
N PHE B 334 7.96 -8.28 11.16
CA PHE B 334 9.33 -8.87 11.27
C PHE B 334 9.28 -10.26 11.89
N GLU B 335 8.13 -10.71 12.43
CA GLU B 335 7.96 -12.11 12.91
C GLU B 335 8.10 -13.05 11.71
N PHE B 336 8.83 -14.16 11.90
CA PHE B 336 9.08 -15.20 10.87
C PHE B 336 7.76 -15.92 10.57
N VAL B 337 7.30 -15.83 9.32
CA VAL B 337 6.00 -16.41 8.84
C VAL B 337 6.05 -17.94 9.02
N TYR B 338 7.24 -18.54 8.98
CA TYR B 338 7.44 -20.01 9.10
C TYR B 338 6.96 -20.50 10.48
N ASN B 339 6.90 -19.63 11.48
CA ASN B 339 6.35 -19.92 12.84
C ASN B 339 4.90 -20.43 12.74
N TYR B 340 4.17 -20.10 11.67
CA TYR B 340 2.73 -20.41 11.50
C TYR B 340 2.53 -21.66 10.63
N LEU B 341 3.62 -22.34 10.24
CA LEU B 341 3.59 -23.44 9.24
C LEU B 341 4.01 -24.77 9.89
N TYR B 342 3.77 -24.96 11.19
CA TYR B 342 3.88 -26.27 11.88
C TYR B 342 2.65 -27.11 11.49
N LEU B 343 2.87 -28.40 11.21
CA LEU B 343 1.83 -29.33 10.68
C LEU B 343 0.66 -29.43 11.66
N ALA B 344 0.93 -29.44 12.96
CA ALA B 344 -0.09 -29.55 14.04
C ALA B 344 -1.09 -28.39 13.92
N ASN B 345 -0.60 -27.21 13.52
CA ASN B 345 -1.42 -25.98 13.34
C ASN B 345 -2.16 -26.03 11.99
N LEU B 346 -1.49 -26.50 10.93
CA LEU B 346 -2.08 -26.62 9.56
C LEU B 346 -3.10 -27.76 9.51
N ARG B 347 -3.10 -28.67 10.49
CA ARG B 347 -4.03 -29.83 10.55
C ARG B 347 -5.24 -29.54 11.45
N GLU B 348 -5.27 -28.39 12.12
CA GLU B 348 -6.39 -27.97 13.01
C GLU B 348 -7.65 -27.72 12.17
N ASN B 349 -8.81 -27.71 12.82
CA ASN B 349 -10.12 -27.38 12.19
C ASN B 349 -10.10 -25.91 11.77
N TRP B 350 -10.97 -25.55 10.81
CA TRP B 350 -10.92 -24.29 10.04
C TRP B 350 -11.00 -23.06 10.93
N GLU B 351 -11.90 -23.06 11.93
CA GLU B 351 -12.10 -21.90 12.85
C GLU B 351 -10.81 -21.66 13.64
N GLU B 352 -10.09 -22.73 14.00
CA GLU B 352 -8.83 -22.67 14.78
C GLU B 352 -7.69 -22.21 13.85
N VAL B 353 -7.70 -22.65 12.59
CA VAL B 353 -6.70 -22.23 11.55
C VAL B 353 -6.79 -20.70 11.38
N LYS B 354 -8.01 -20.16 11.22
CA LYS B 354 -8.25 -18.71 11.04
C LYS B 354 -7.80 -17.94 12.28
N LYS B 355 -8.08 -18.45 13.48
CA LYS B 355 -7.69 -17.79 14.76
C LYS B 355 -6.17 -17.77 14.89
N ASN B 356 -5.49 -18.85 14.49
CA ASN B 356 -4.00 -18.98 14.57
C ASN B 356 -3.33 -17.92 13.68
N ALA B 357 -3.98 -17.53 12.58
CA ALA B 357 -3.41 -16.61 11.57
C ALA B 357 -3.71 -15.14 11.90
N ARG B 358 -4.55 -14.87 12.90
CA ARG B 358 -5.03 -13.50 13.25
C ARG B 358 -3.85 -12.54 13.49
N LYS B 359 -2.82 -12.98 14.22
CA LYS B 359 -1.69 -12.12 14.67
C LYS B 359 -0.48 -12.29 13.74
N ALA B 360 -0.61 -13.06 12.65
CA ALA B 360 0.48 -13.31 11.69
C ALA B 360 0.70 -12.07 10.84
N PRO B 361 1.92 -11.88 10.26
CA PRO B 361 2.13 -10.84 9.25
C PRO B 361 1.09 -10.95 8.12
N GLN B 362 0.66 -9.82 7.58
CA GLN B 362 -0.34 -9.74 6.49
C GLN B 362 0.37 -9.83 5.14
N PRO B 363 -0.08 -10.70 4.21
CA PRO B 363 0.53 -10.79 2.88
C PRO B 363 0.14 -9.58 2.03
N GLU B 364 1.04 -9.16 1.14
CA GLU B 364 0.83 -7.99 0.25
C GLU B 364 1.81 -8.06 -0.92
N VAL B 365 1.31 -7.90 -2.15
CA VAL B 365 2.15 -7.77 -3.36
C VAL B 365 2.56 -6.30 -3.48
N ARG B 366 3.86 -6.03 -3.49
CA ARG B 366 4.43 -4.67 -3.50
C ARG B 366 5.39 -4.51 -4.69
N ARG B 367 5.31 -3.36 -5.35
CA ARG B 367 6.30 -2.88 -6.34
C ARG B 367 7.19 -1.83 -5.67
N TYR B 368 8.48 -2.12 -5.55
CA TYR B 368 9.53 -1.14 -5.16
C TYR B 368 10.23 -0.66 -6.43
N VAL B 369 10.62 0.61 -6.46
CA VAL B 369 11.39 1.21 -7.59
C VAL B 369 12.70 1.76 -7.02
N LEU B 370 13.83 1.19 -7.45
CA LEU B 370 15.19 1.54 -6.97
C LEU B 370 15.83 2.46 -8.01
N PRO B 371 16.04 3.75 -7.71
CA PRO B 371 16.78 4.64 -8.61
C PRO B 371 18.26 4.27 -8.66
N LEU B 372 18.83 4.23 -9.87
CA LEU B 372 20.26 3.87 -10.13
C LEU B 372 21.11 5.15 -10.16
N ASN B 373 20.53 6.28 -10.58
CA ASN B 373 21.22 7.59 -10.71
C ASN B 373 20.83 8.49 -9.53
N ILE B 374 21.65 8.51 -8.47
CA ILE B 374 21.43 9.31 -7.24
C ILE B 374 22.21 10.63 -7.34
N ASP B 375 21.51 11.75 -7.53
CA ASP B 375 22.08 13.13 -7.53
C ASP B 375 21.90 13.74 -6.13
N LYS B 376 23.00 14.15 -5.49
CA LYS B 376 23.02 14.78 -4.14
C LYS B 376 22.13 16.03 -4.11
N ALA B 377 22.03 16.73 -5.24
CA ALA B 377 21.20 17.94 -5.43
C ALA B 377 19.71 17.64 -5.16
N ASP B 378 19.29 16.37 -5.25
CA ASP B 378 17.89 15.93 -5.02
C ASP B 378 17.70 15.44 -3.59
N THR B 379 18.65 15.70 -2.69
CA THR B 379 18.54 15.34 -1.25
C THR B 379 17.21 15.87 -0.70
N GLY B 380 16.42 14.99 -0.07
CA GLY B 380 15.15 15.33 0.61
C GLY B 380 13.94 15.15 -0.29
N LYS B 381 14.16 14.80 -1.57
CA LYS B 381 13.08 14.70 -2.59
C LYS B 381 12.86 13.24 -3.02
N ASN B 382 11.77 13.00 -3.73
CA ASN B 382 11.39 11.70 -4.35
C ASN B 382 12.15 11.56 -5.67
N LEU B 383 12.99 10.53 -5.81
CA LEU B 383 13.85 10.29 -7.01
C LEU B 383 13.08 9.53 -8.10
N VAL B 384 11.95 8.92 -7.78
CA VAL B 384 11.18 8.07 -8.73
C VAL B 384 10.32 8.98 -9.62
N THR B 385 10.91 9.41 -10.74
CA THR B 385 10.33 10.37 -11.72
C THR B 385 9.54 9.63 -12.81
N LEU B 386 9.46 8.29 -12.75
CA LEU B 386 8.67 7.47 -13.70
C LEU B 386 7.21 7.91 -13.66
N PRO B 387 6.51 7.92 -14.82
CA PRO B 387 5.15 8.47 -14.91
C PRO B 387 4.00 7.52 -14.55
N ASN B 388 4.29 6.24 -14.34
CA ASN B 388 3.29 5.13 -14.28
CA ASN B 388 3.23 5.19 -14.25
C ASN B 388 3.34 4.42 -12.93
N THR B 389 3.96 5.02 -11.91
CA THR B 389 4.08 4.40 -10.56
C THR B 389 3.80 5.41 -9.44
N THR B 390 3.35 4.93 -8.29
CA THR B 390 3.19 5.69 -7.02
C THR B 390 4.30 5.31 -6.03
N ALA B 391 5.20 4.39 -6.41
CA ALA B 391 6.39 4.05 -5.60
C ALA B 391 7.29 5.29 -5.48
N THR B 392 7.92 5.48 -4.33
CA THR B 392 8.80 6.63 -4.02
C THR B 392 10.13 6.14 -3.47
N ALA B 393 11.18 6.95 -3.64
CA ALA B 393 12.53 6.75 -3.09
C ALA B 393 13.07 8.13 -2.65
N ILE B 394 13.14 8.37 -1.33
CA ILE B 394 13.58 9.67 -0.74
C ILE B 394 15.07 9.58 -0.43
N LEU B 395 15.89 10.43 -1.06
CA LEU B 395 17.33 10.59 -0.72
C LEU B 395 17.44 11.40 0.57
N CYS B 396 17.91 10.78 1.65
CA CYS B 396 18.14 11.40 2.97
C CYS B 396 19.55 12.00 3.02
N SER B 397 19.82 12.84 4.03
N SER B 397 19.81 12.85 4.03
CA SER B 397 21.10 13.57 4.21
CA SER B 397 21.09 13.57 4.24
C SER B 397 22.23 12.59 4.57
C SER B 397 22.22 12.58 4.54
N ASP B 398 21.92 11.50 5.27
CA ASP B 398 22.88 10.41 5.62
C ASP B 398 23.08 9.47 4.43
N GLU B 399 22.43 9.76 3.29
CA GLU B 399 22.63 9.08 1.97
C GLU B 399 21.82 7.78 1.92
N THR B 400 21.05 7.44 2.97
CA THR B 400 20.05 6.35 2.91
C THR B 400 18.96 6.78 1.93
N ILE B 401 18.45 5.84 1.13
CA ILE B 401 17.34 6.05 0.17
C ILE B 401 16.13 5.30 0.73
N TRP B 402 15.16 6.03 1.29
CA TRP B 402 13.95 5.44 1.92
C TRP B 402 12.92 5.13 0.84
N LEU B 403 12.49 3.87 0.73
CA LEU B 403 11.55 3.39 -0.32
C LEU B 403 10.14 3.25 0.28
N GLU B 404 9.13 3.68 -0.48
CA GLU B 404 7.69 3.35 -0.25
C GLU B 404 7.22 2.56 -1.46
N PRO B 405 6.49 1.45 -1.25
CA PRO B 405 6.04 0.63 -2.38
C PRO B 405 4.75 1.17 -3.03
N GLU B 406 4.51 0.73 -4.26
CA GLU B 406 3.17 0.71 -4.89
C GLU B 406 2.56 -0.66 -4.60
N VAL B 407 1.39 -0.69 -3.94
CA VAL B 407 0.69 -1.96 -3.60
C VAL B 407 -0.08 -2.44 -4.84
N LEU B 408 0.23 -3.64 -5.32
CA LEU B 408 -0.38 -4.23 -6.54
C LEU B 408 -1.60 -5.08 -6.15
N PHE B 409 -1.53 -5.75 -4.99
CA PHE B 409 -2.64 -6.58 -4.44
C PHE B 409 -2.52 -6.68 -2.92
N SER B 410 -3.65 -6.58 -2.23
CA SER B 410 -3.78 -6.71 -0.76
C SER B 410 -5.16 -7.28 -0.41
N GLY B 411 -5.19 -8.41 0.31
CA GLY B 411 -6.42 -9.06 0.81
C GLY B 411 -6.22 -9.59 2.22
N PRO B 412 -7.25 -9.47 3.12
CA PRO B 412 -7.10 -9.82 4.53
C PRO B 412 -6.77 -11.32 4.75
N ARG B 413 -5.50 -11.61 5.07
CA ARG B 413 -4.96 -12.99 5.22
C ARG B 413 -5.19 -13.77 3.91
N GLN B 414 -5.26 -13.06 2.79
CA GLN B 414 -5.41 -13.61 1.41
C GLN B 414 -4.12 -13.33 0.66
N ALA B 415 -3.17 -14.25 0.70
CA ALA B 415 -1.83 -14.11 0.08
C ALA B 415 -1.89 -14.50 -1.40
N PHE B 416 -1.42 -13.62 -2.27
CA PHE B 416 -0.97 -13.96 -3.64
C PHE B 416 0.49 -14.43 -3.51
N GLU B 417 0.69 -15.75 -3.53
CA GLU B 417 1.99 -16.40 -3.21
C GLU B 417 2.37 -17.38 -4.32
N PHE B 418 3.54 -18.02 -4.18
CA PHE B 418 4.14 -18.93 -5.19
C PHE B 418 3.96 -18.31 -6.57
N PRO B 419 4.51 -17.08 -6.78
CA PRO B 419 4.28 -16.35 -8.03
C PRO B 419 5.05 -16.99 -9.19
N GLN B 420 4.46 -16.94 -10.38
CA GLN B 420 5.05 -17.43 -11.65
C GLN B 420 4.71 -16.43 -12.75
N ILE B 421 5.58 -16.31 -13.76
CA ILE B 421 5.38 -15.47 -14.96
C ILE B 421 5.68 -16.31 -16.20
N ASN B 422 5.52 -15.72 -17.38
CA ASN B 422 6.09 -16.23 -18.66
C ASN B 422 7.61 -16.00 -18.58
N TYR B 423 8.32 -16.87 -17.85
CA TYR B 423 9.70 -16.65 -17.37
C TYR B 423 10.68 -16.58 -18.56
N GLN B 424 10.57 -17.52 -19.50
CA GLN B 424 11.54 -17.69 -20.62
C GLN B 424 11.62 -16.41 -21.47
N LYS B 425 10.52 -15.70 -21.64
N LYS B 425 10.51 -15.69 -21.63
CA LYS B 425 10.40 -14.52 -22.55
CA LYS B 425 10.38 -14.53 -22.55
C LYS B 425 10.35 -13.21 -21.77
C LYS B 425 10.34 -13.21 -21.78
N TYR B 426 9.93 -13.20 -20.50
CA TYR B 426 9.68 -11.95 -19.73
C TYR B 426 10.45 -11.91 -18.39
N GLY B 427 11.16 -12.99 -18.03
CA GLY B 427 12.06 -12.99 -16.85
C GLY B 427 13.12 -11.90 -16.97
N GLY B 428 13.18 -10.98 -16.00
CA GLY B 428 14.18 -9.89 -15.97
C GLY B 428 13.84 -8.74 -16.90
N LYS B 429 12.61 -8.72 -17.44
CA LYS B 429 12.21 -7.77 -18.52
C LYS B 429 10.84 -7.17 -18.22
N PRO B 430 10.53 -5.98 -18.79
CA PRO B 430 9.20 -5.41 -18.68
C PRO B 430 8.11 -6.46 -18.96
N TYR B 431 7.10 -6.53 -18.10
CA TYR B 431 6.04 -7.58 -18.14
C TYR B 431 4.74 -7.00 -17.57
N THR B 432 3.65 -7.74 -17.73
CA THR B 432 2.26 -7.31 -17.39
C THR B 432 1.59 -8.31 -16.44
N TYR B 433 1.89 -9.61 -16.55
CA TYR B 433 1.07 -10.69 -15.94
C TYR B 433 1.92 -11.54 -14.99
N ALA B 434 1.36 -11.82 -13.81
CA ALA B 434 1.86 -12.80 -12.82
C ALA B 434 0.71 -13.73 -12.45
N TYR B 435 1.04 -15.01 -12.22
CA TYR B 435 0.12 -16.07 -11.75
C TYR B 435 0.57 -16.47 -10.34
N GLY B 436 -0.37 -16.87 -9.49
CA GLY B 436 -0.08 -17.13 -8.07
C GLY B 436 -1.00 -18.17 -7.49
N LEU B 437 -0.54 -18.79 -6.40
CA LEU B 437 -1.37 -19.63 -5.50
C LEU B 437 -1.95 -18.70 -4.42
N GLY B 438 -3.29 -18.67 -4.30
CA GLY B 438 -4.00 -17.89 -3.29
C GLY B 438 -4.08 -18.65 -1.98
N LEU B 439 -3.47 -18.12 -0.92
CA LEU B 439 -3.52 -18.70 0.46
C LEU B 439 -4.62 -18.01 1.26
N ASN B 440 -5.50 -18.80 1.89
CA ASN B 440 -6.61 -18.36 2.77
C ASN B 440 -6.25 -18.77 4.20
N HIS B 441 -5.69 -17.83 4.99
CA HIS B 441 -5.12 -18.10 6.34
C HIS B 441 -4.09 -19.23 6.23
N PHE B 442 -3.24 -19.17 5.19
CA PHE B 442 -2.10 -20.09 4.89
C PHE B 442 -2.57 -21.34 4.15
N VAL B 443 -3.88 -21.55 3.99
CA VAL B 443 -4.47 -22.71 3.26
C VAL B 443 -4.62 -22.34 1.79
N PRO B 444 -3.96 -23.07 0.86
CA PRO B 444 -4.11 -22.81 -0.56
C PRO B 444 -5.49 -23.27 -1.07
N ASP B 445 -6.33 -22.36 -1.56
CA ASP B 445 -7.73 -22.68 -1.94
C ASP B 445 -8.14 -22.04 -3.28
N ARG B 446 -7.21 -21.46 -4.04
CA ARG B 446 -7.55 -20.78 -5.32
C ARG B 446 -6.29 -20.51 -6.13
N LEU B 447 -6.48 -20.24 -7.43
CA LEU B 447 -5.43 -19.80 -8.37
C LEU B 447 -5.76 -18.38 -8.84
N CYS B 448 -4.74 -17.53 -8.97
CA CYS B 448 -4.88 -16.07 -9.20
C CYS B 448 -4.01 -15.63 -10.39
N LYS B 449 -4.54 -14.69 -11.16
CA LYS B 449 -3.78 -13.92 -12.18
C LYS B 449 -3.84 -12.45 -11.78
N LEU B 450 -2.70 -11.76 -11.83
CA LEU B 450 -2.56 -10.32 -11.52
C LEU B 450 -1.99 -9.62 -12.75
N ASN B 451 -2.70 -8.61 -13.25
CA ASN B 451 -2.15 -7.58 -14.18
C ASN B 451 -1.44 -6.54 -13.31
N VAL B 452 -0.10 -6.51 -13.34
CA VAL B 452 0.72 -5.66 -12.43
C VAL B 452 0.68 -4.20 -12.88
N LYS B 453 0.15 -3.90 -14.07
CA LYS B 453 0.01 -2.51 -14.61
C LYS B 453 -1.34 -1.91 -14.20
N THR B 454 -2.45 -2.67 -14.36
CA THR B 454 -3.83 -2.20 -14.08
C THR B 454 -4.31 -2.66 -12.69
N LYS B 455 -3.67 -3.69 -12.11
CA LYS B 455 -4.02 -4.29 -10.80
C LYS B 455 -5.33 -5.09 -10.90
N GLU B 456 -5.82 -5.36 -12.11
CA GLU B 456 -6.97 -6.28 -12.33
C GLU B 456 -6.52 -7.69 -11.94
N THR B 457 -7.44 -8.47 -11.34
CA THR B 457 -7.20 -9.87 -10.91
C THR B 457 -8.24 -10.79 -11.57
N TRP B 458 -7.85 -12.04 -11.80
CA TRP B 458 -8.73 -13.18 -12.17
C TRP B 458 -8.54 -14.27 -11.12
N VAL B 459 -9.62 -14.97 -10.75
CA VAL B 459 -9.58 -16.06 -9.73
C VAL B 459 -10.24 -17.31 -10.33
N TRP B 460 -9.61 -18.46 -10.10
CA TRP B 460 -10.22 -19.80 -10.26
C TRP B 460 -10.33 -20.43 -8.87
N GLN B 461 -11.52 -20.92 -8.52
CA GLN B 461 -11.79 -21.50 -7.18
C GLN B 461 -13.01 -22.43 -7.26
N GLU B 462 -12.88 -23.62 -6.67
CA GLU B 462 -14.00 -24.57 -6.43
C GLU B 462 -13.99 -24.96 -4.95
N PRO B 463 -15.18 -25.25 -4.35
CA PRO B 463 -15.24 -25.66 -2.95
C PRO B 463 -14.43 -26.93 -2.68
N ASP B 464 -13.77 -26.98 -1.53
CA ASP B 464 -13.06 -28.19 -1.01
C ASP B 464 -12.00 -28.65 -2.02
N SER B 465 -11.33 -27.69 -2.68
CA SER B 465 -10.29 -27.93 -3.72
C SER B 465 -9.07 -27.07 -3.41
N TYR B 466 -7.92 -27.71 -3.22
CA TYR B 466 -6.67 -27.10 -2.68
C TYR B 466 -5.57 -27.22 -3.73
N PRO B 467 -5.38 -26.16 -4.57
CA PRO B 467 -4.42 -26.21 -5.66
C PRO B 467 -2.98 -25.96 -5.23
N SER B 468 -2.03 -26.15 -6.15
CA SER B 468 -0.58 -25.89 -6.00
C SER B 468 -0.17 -24.68 -6.85
N GLU B 469 1.06 -24.22 -6.67
CA GLU B 469 1.71 -23.18 -7.53
C GLU B 469 1.31 -23.42 -8.98
N PRO B 470 0.80 -22.39 -9.70
CA PRO B 470 0.50 -22.52 -11.12
C PRO B 470 1.78 -22.28 -11.95
N ILE B 471 2.10 -23.17 -12.88
CA ILE B 471 3.28 -23.02 -13.79
C ILE B 471 2.77 -22.71 -15.19
N PHE B 472 3.26 -21.62 -15.79
CA PHE B 472 2.86 -21.11 -17.12
C PHE B 472 3.62 -21.88 -18.21
N VAL B 473 2.90 -22.35 -19.23
CA VAL B 473 3.48 -22.95 -20.47
C VAL B 473 2.95 -22.16 -21.66
N SER B 474 3.84 -21.52 -22.42
CA SER B 474 3.51 -20.73 -23.63
C SER B 474 3.00 -21.67 -24.75
N HIS B 475 1.98 -21.22 -25.47
CA HIS B 475 1.59 -21.74 -26.80
C HIS B 475 2.77 -21.53 -27.75
N PRO B 476 3.15 -22.55 -28.55
CA PRO B 476 4.31 -22.44 -29.45
C PRO B 476 4.22 -21.28 -30.46
N ASP B 477 3.02 -20.79 -30.75
CA ASP B 477 2.75 -19.70 -31.72
C ASP B 477 2.28 -18.43 -30.99
N ALA B 478 2.64 -18.28 -29.71
CA ALA B 478 2.26 -17.14 -28.84
C ALA B 478 2.78 -15.82 -29.41
N LEU B 479 1.91 -14.80 -29.48
CA LEU B 479 2.24 -13.40 -29.85
C LEU B 479 2.20 -12.52 -28.58
N GLU B 480 1.24 -12.77 -27.69
N GLU B 480 1.26 -12.77 -27.67
CA GLU B 480 1.04 -12.02 -26.42
CA GLU B 480 1.07 -11.99 -26.43
C GLU B 480 1.79 -12.74 -25.29
C GLU B 480 1.65 -12.76 -25.23
N GLU B 481 1.99 -12.04 -24.17
CA GLU B 481 2.68 -12.53 -22.94
C GLU B 481 1.92 -13.70 -22.31
N ASP B 482 0.58 -13.68 -22.35
CA ASP B 482 -0.30 -14.65 -21.65
C ASP B 482 -1.00 -15.59 -22.66
N ASP B 483 -0.40 -15.81 -23.83
CA ASP B 483 -0.86 -16.82 -24.83
C ASP B 483 -0.29 -18.18 -24.40
N GLY B 484 -1.06 -18.94 -23.62
CA GLY B 484 -0.67 -20.27 -23.12
C GLY B 484 -1.60 -20.75 -22.04
N VAL B 485 -1.14 -21.73 -21.25
CA VAL B 485 -1.92 -22.33 -20.13
C VAL B 485 -1.09 -22.21 -18.84
N VAL B 486 -1.75 -22.33 -17.69
CA VAL B 486 -1.09 -22.61 -16.39
C VAL B 486 -1.50 -24.01 -15.95
N LEU B 487 -0.57 -24.75 -15.37
CA LEU B 487 -0.77 -26.13 -14.83
C LEU B 487 -0.70 -26.07 -13.31
N SER B 488 -1.69 -26.64 -12.63
CA SER B 488 -1.77 -26.74 -11.15
C SER B 488 -2.19 -28.16 -10.76
N VAL B 489 -1.57 -28.69 -9.70
CA VAL B 489 -1.98 -29.98 -9.07
C VAL B 489 -2.99 -29.64 -7.95
N VAL B 490 -4.20 -30.19 -8.03
CA VAL B 490 -5.34 -29.86 -7.12
C VAL B 490 -5.70 -31.10 -6.30
N VAL B 491 -5.76 -30.94 -4.97
CA VAL B 491 -6.26 -31.95 -4.00
C VAL B 491 -7.75 -31.69 -3.77
N SER B 492 -8.61 -32.67 -4.09
CA SER B 492 -10.09 -32.59 -4.00
C SER B 492 -10.63 -33.76 -3.18
N PRO B 493 -10.49 -33.73 -1.84
CA PRO B 493 -10.83 -34.87 -1.00
C PRO B 493 -12.33 -35.09 -0.76
N GLY B 494 -13.20 -34.23 -1.34
CA GLY B 494 -14.66 -34.39 -1.31
C GLY B 494 -15.07 -35.79 -1.76
N ALA B 495 -15.92 -36.45 -0.98
CA ALA B 495 -16.34 -37.86 -1.14
C ALA B 495 -16.98 -38.10 -2.51
N GLY B 496 -17.61 -37.08 -3.10
CA GLY B 496 -18.22 -37.13 -4.44
C GLY B 496 -17.26 -36.71 -5.55
N GLN B 497 -15.96 -36.99 -5.38
CA GLN B 497 -14.88 -36.65 -6.36
C GLN B 497 -13.72 -37.64 -6.22
N LYS B 498 -12.90 -37.76 -7.26
CA LYS B 498 -11.57 -38.43 -7.20
C LYS B 498 -10.64 -37.58 -6.34
N PRO B 499 -9.67 -38.17 -5.61
CA PRO B 499 -8.91 -37.46 -4.58
C PRO B 499 -8.01 -36.30 -5.03
N ALA B 500 -7.59 -36.27 -6.29
CA ALA B 500 -6.69 -35.24 -6.85
C ALA B 500 -6.77 -35.20 -8.37
N TYR B 501 -6.31 -34.10 -8.99
CA TYR B 501 -6.26 -33.95 -10.47
C TYR B 501 -5.26 -32.86 -10.87
N LEU B 502 -4.72 -33.00 -12.08
CA LEU B 502 -3.96 -31.97 -12.81
C LEU B 502 -4.97 -31.01 -13.44
N LEU B 503 -4.91 -29.72 -13.09
CA LEU B 503 -5.79 -28.66 -13.64
C LEU B 503 -5.01 -27.92 -14.73
N ILE B 504 -5.67 -27.67 -15.88
CA ILE B 504 -5.16 -26.81 -16.98
C ILE B 504 -6.13 -25.64 -17.15
N LEU B 505 -5.68 -24.42 -16.86
CA LEU B 505 -6.45 -23.17 -17.09
C LEU B 505 -5.87 -22.45 -18.30
N ASN B 506 -6.74 -21.78 -19.08
CA ASN B 506 -6.32 -20.79 -20.11
C ASN B 506 -5.69 -19.61 -19.36
N ALA B 507 -4.46 -19.22 -19.72
CA ALA B 507 -3.68 -18.16 -19.08
C ALA B 507 -4.32 -16.78 -19.31
N LYS B 508 -5.19 -16.66 -20.33
CA LYS B 508 -5.91 -15.39 -20.66
C LYS B 508 -6.85 -14.98 -19.52
N ASP B 509 -7.74 -15.89 -19.08
CA ASP B 509 -8.86 -15.56 -18.16
C ASP B 509 -8.97 -16.57 -17.01
N LEU B 510 -8.01 -17.49 -16.88
CA LEU B 510 -8.03 -18.61 -15.89
C LEU B 510 -9.32 -19.43 -16.00
N SER B 511 -9.90 -19.53 -17.20
CA SER B 511 -11.04 -20.44 -17.50
C SER B 511 -10.49 -21.86 -17.69
N GLU B 512 -11.21 -22.86 -17.18
CA GLU B 512 -10.78 -24.28 -17.19
C GLU B 512 -10.75 -24.77 -18.64
N VAL B 513 -9.68 -25.50 -18.99
CA VAL B 513 -9.45 -26.10 -20.34
C VAL B 513 -9.61 -27.62 -20.22
N ALA B 514 -9.06 -28.23 -19.17
CA ALA B 514 -9.13 -29.68 -18.91
C ALA B 514 -8.70 -30.00 -17.48
N ARG B 515 -9.03 -31.21 -17.01
CA ARG B 515 -8.37 -31.85 -15.84
C ARG B 515 -8.03 -33.30 -16.19
N ALA B 516 -6.97 -33.81 -15.56
CA ALA B 516 -6.57 -35.24 -15.57
C ALA B 516 -6.65 -35.77 -14.14
N GLU B 517 -7.70 -36.54 -13.83
CA GLU B 517 -8.02 -37.03 -12.46
C GLU B 517 -7.26 -38.33 -12.18
N VAL B 518 -6.72 -38.48 -10.98
CA VAL B 518 -6.00 -39.70 -10.50
C VAL B 518 -6.76 -40.25 -9.27
N GLU B 519 -6.65 -41.55 -9.01
CA GLU B 519 -7.45 -42.30 -8.01
C GLU B 519 -6.70 -42.40 -6.67
N ILE B 520 -5.55 -41.71 -6.53
CA ILE B 520 -4.74 -41.67 -5.28
C ILE B 520 -4.59 -40.21 -4.84
N ASN B 521 -4.39 -40.00 -3.52
CA ASN B 521 -4.15 -38.65 -2.93
C ASN B 521 -2.77 -38.17 -3.36
N ILE B 522 -2.61 -36.84 -3.46
CA ILE B 522 -1.31 -36.15 -3.68
C ILE B 522 -1.13 -35.16 -2.54
N PRO B 523 -0.01 -35.21 -1.78
CA PRO B 523 0.22 -34.23 -0.73
C PRO B 523 0.64 -32.88 -1.30
N VAL B 524 0.85 -31.89 -0.43
CA VAL B 524 1.32 -30.52 -0.79
C VAL B 524 2.60 -30.63 -1.63
N THR B 525 2.69 -29.85 -2.70
CA THR B 525 3.93 -29.62 -3.50
C THR B 525 4.23 -28.12 -3.48
N PHE B 526 5.51 -27.76 -3.48
CA PHE B 526 5.98 -26.36 -3.39
C PHE B 526 6.25 -25.80 -4.79
N HIS B 527 7.35 -26.21 -5.42
CA HIS B 527 7.82 -25.65 -6.69
C HIS B 527 8.13 -26.76 -7.70
N GLY B 528 8.26 -26.39 -8.97
CA GLY B 528 8.52 -27.32 -10.07
C GLY B 528 8.81 -26.59 -11.37
N LEU B 529 8.78 -27.32 -12.49
CA LEU B 529 8.96 -26.77 -13.85
C LEU B 529 8.22 -27.66 -14.85
N PHE B 530 7.93 -27.11 -16.03
CA PHE B 530 7.52 -27.89 -17.21
C PHE B 530 8.75 -28.14 -18.07
N LYS B 531 9.10 -29.41 -18.26
CA LYS B 531 10.19 -29.87 -19.16
C LYS B 531 9.56 -30.24 -20.52
N LYS B 532 9.79 -29.40 -21.54
CA LYS B 532 9.29 -29.61 -22.92
C LYS B 532 10.05 -30.78 -23.57
N SER B 533 9.36 -31.55 -24.41
CA SER B 533 9.93 -32.66 -25.22
C SER B 533 9.26 -32.71 -26.60
#